data_5LMF
#
_entry.id   5LMF
#
_cell.length_a   98.360
_cell.length_b   122.920
_cell.length_c   126.970
_cell.angle_alpha   90.000
_cell.angle_beta   90.000
_cell.angle_gamma   90.000
#
_symmetry.space_group_name_H-M   'I 2 2 2'
#
loop_
_entity.id
_entity.type
_entity.pdbx_description
1 polymer 'DNA topoisomerase 2-associated protein PAT1'
2 polymer 'mRNA decapping protein 2'
3 non-polymer 'MAGNESIUM ION'
4 non-polymer 'CHLORIDE ION'
5 non-polymer 1,2-ETHANEDIOL
6 water water
#
loop_
_entity_poly.entity_id
_entity_poly.type
_entity_poly.pdbx_seq_one_letter_code
_entity_poly.pdbx_strand_id
1 'polypeptide(L)'
;MHHHHHHSSGSSSTGSSAAAVASKQRRRSSYAFNNGNGATNLNKSGGKKFILELIETVYEEILDLEANLRNGQQTDSTAM
WEALHIDDSSYDVNPFISMLSFDKGIKIMPRIFNFLDKQQKLKILQKIFNELSHLQIIILSSYKTTPKPTLTQLKKVDLF
QMIILKIIVSFLSNNSNFIEIMGLLLQLIRNNNVSFLTTSKIGLNLITILISRAALIKQDSSRSNILSSPEISTWNEIYD
KLFTSLESKIQLIFPPREYNDHIMRLQNDKFMDEAYIWAFLASLAASGKLNHQRIIIDEVRDEIFATINEAETLQKKEKE
LSVLPQRSQELDTELKSIIYNKEKLYQDLNLFLNVMGLVYRDGEISELK
;
A,B
2 'polypeptide(L)' TAHSNSQALLDLLKKPT C,D
#
loop_
_chem_comp.id
_chem_comp.type
_chem_comp.name
_chem_comp.formula
CL non-polymer 'CHLORIDE ION' 'Cl -1'
EDO non-polymer 1,2-ETHANEDIOL 'C2 H6 O2'
MG non-polymer 'MAGNESIUM ION' 'Mg 2'
#
# COMPACT_ATOMS: atom_id res chain seq x y z
N SER A 45 -0.47 29.09 10.23
CA SER A 45 -0.35 29.78 8.95
C SER A 45 0.84 29.24 8.13
N GLY A 46 0.69 29.08 6.80
CA GLY A 46 -0.51 29.36 6.02
C GLY A 46 -0.30 30.42 4.94
N GLY A 47 -1.39 30.93 4.33
CA GLY A 47 -2.78 30.56 4.61
C GLY A 47 -3.29 29.41 3.76
N LYS A 48 -4.63 29.22 3.71
CA LYS A 48 -5.28 28.14 2.96
C LYS A 48 -5.20 28.34 1.44
N LYS A 49 -5.56 29.55 0.96
CA LYS A 49 -5.57 29.90 -0.47
C LYS A 49 -4.17 29.78 -1.10
N PHE A 50 -3.14 30.29 -0.39
CA PHE A 50 -1.75 30.29 -0.81
C PHE A 50 -1.18 28.89 -1.08
N ILE A 51 -1.51 27.92 -0.20
CA ILE A 51 -1.06 26.53 -0.30
C ILE A 51 -1.73 25.80 -1.48
N LEU A 52 -3.02 26.12 -1.72
CA LEU A 52 -3.81 25.55 -2.82
C LEU A 52 -3.31 26.05 -4.16
N GLU A 53 -2.81 27.32 -4.20
CA GLU A 53 -2.22 27.96 -5.39
C GLU A 53 -0.82 27.37 -5.64
N LEU A 54 -0.14 26.93 -4.56
CA LEU A 54 1.18 26.30 -4.58
C LEU A 54 1.12 24.90 -5.16
N ILE A 55 0.07 24.13 -4.80
CA ILE A 55 -0.22 22.78 -5.28
C ILE A 55 -0.51 22.86 -6.79
N GLU A 56 -1.27 23.90 -7.22
CA GLU A 56 -1.59 24.15 -8.64
C GLU A 56 -0.35 24.39 -9.46
N THR A 57 0.63 25.12 -8.89
CA THR A 57 1.92 25.39 -9.50
C THR A 57 2.71 24.08 -9.65
N VAL A 58 2.73 23.24 -8.58
CA VAL A 58 3.41 21.92 -8.56
C VAL A 58 2.82 21.02 -9.66
N TYR A 59 1.48 21.00 -9.80
CA TYR A 59 0.77 20.24 -10.83
C TYR A 59 1.16 20.70 -12.23
N GLU A 60 1.22 22.03 -12.45
CA GLU A 60 1.62 22.66 -13.72
C GLU A 60 3.06 22.30 -14.09
N GLU A 61 3.99 22.35 -13.11
CA GLU A 61 5.41 22.03 -13.32
C GLU A 61 5.63 20.56 -13.67
N ILE A 62 4.97 19.64 -12.93
CA ILE A 62 5.00 18.19 -13.15
C ILE A 62 4.44 17.84 -14.53
N LEU A 63 3.29 18.44 -14.91
CA LEU A 63 2.69 18.20 -16.22
C LEU A 63 3.60 18.64 -17.38
N ASP A 64 4.34 19.77 -17.23
CA ASP A 64 5.32 20.20 -18.24
C ASP A 64 6.49 19.19 -18.35
N LEU A 65 7.03 18.71 -17.19
CA LEU A 65 8.11 17.71 -17.16
C LEU A 65 7.68 16.39 -17.81
N GLU A 66 6.45 15.93 -17.49
CA GLU A 66 5.83 14.73 -18.04
C GLU A 66 5.61 14.84 -19.54
N ALA A 67 5.11 16.01 -20.02
CA ALA A 67 4.91 16.28 -21.46
C ALA A 67 6.24 16.26 -22.22
N ASN A 68 7.27 17.00 -21.69
CA ASN A 68 8.62 17.07 -22.27
C ASN A 68 9.25 15.67 -22.37
N LEU A 69 9.20 14.90 -21.27
CA LEU A 69 9.75 13.55 -21.22
C LEU A 69 9.11 12.61 -22.26
N ARG A 70 7.77 12.59 -22.33
CA ARG A 70 6.95 11.79 -23.25
C ARG A 70 7.38 12.00 -24.70
N ASN A 71 7.55 13.29 -25.08
CA ASN A 71 7.96 13.75 -26.42
C ASN A 71 9.48 13.64 -26.64
N GLY A 72 10.18 12.98 -25.71
CA GLY A 72 11.62 12.77 -25.76
C GLY A 72 12.47 14.04 -25.77
N GLN A 73 11.97 15.11 -25.12
CA GLN A 73 12.63 16.42 -25.00
C GLN A 73 13.38 16.52 -23.68
N GLN A 74 14.37 17.44 -23.61
CA GLN A 74 15.19 17.66 -22.43
C GLN A 74 14.36 18.24 -21.29
N THR A 75 14.42 17.60 -20.11
CA THR A 75 13.67 18.03 -18.92
C THR A 75 14.55 18.80 -17.94
N ASP A 76 13.97 19.83 -17.30
CA ASP A 76 14.64 20.64 -16.28
C ASP A 76 13.67 20.79 -15.07
N SER A 77 13.97 20.08 -13.97
CA SER A 77 13.11 20.03 -12.78
C SER A 77 13.37 21.13 -11.74
N THR A 78 14.14 22.18 -12.09
CA THR A 78 14.48 23.28 -11.17
C THR A 78 13.24 24.05 -10.71
N ALA A 79 12.39 24.47 -11.66
CA ALA A 79 11.14 25.21 -11.41
C ALA A 79 10.20 24.43 -10.50
N MET A 80 10.08 23.10 -10.73
CA MET A 80 9.28 22.17 -9.93
C MET A 80 9.86 22.05 -8.50
N TRP A 81 11.18 21.81 -8.36
CA TRP A 81 11.84 21.69 -7.06
C TRP A 81 11.65 22.97 -6.21
N GLU A 82 11.77 24.15 -6.86
CA GLU A 82 11.58 25.45 -6.22
C GLU A 82 10.12 25.67 -5.82
N ALA A 83 9.15 25.18 -6.64
CA ALA A 83 7.70 25.25 -6.36
C ALA A 83 7.30 24.50 -5.08
N LEU A 84 8.10 23.51 -4.65
CA LEU A 84 7.89 22.69 -3.44
C LEU A 84 8.17 23.42 -2.11
N HIS A 85 9.14 24.40 -2.08
CA HIS A 85 9.53 25.21 -0.91
C HIS A 85 10.15 24.37 0.24
N ILE A 86 10.99 23.37 -0.10
CA ILE A 86 11.68 22.51 0.88
C ILE A 86 12.72 23.34 1.65
N ASP A 87 13.50 24.18 0.93
CA ASP A 87 14.53 25.08 1.47
C ASP A 87 13.90 26.47 1.73
N ASP A 88 12.82 26.48 2.54
CA ASP A 88 12.06 27.68 2.89
C ASP A 88 11.67 27.63 4.38
N SER A 89 12.02 28.69 5.12
CA SER A 89 11.75 28.83 6.55
C SER A 89 11.05 30.17 6.89
N SER A 90 10.46 30.81 5.86
CA SER A 90 9.77 32.11 5.94
C SER A 90 8.41 32.08 6.68
N TYR A 91 7.88 30.87 6.98
CA TYR A 91 6.58 30.66 7.66
C TYR A 91 6.71 29.84 8.95
N ASP A 92 5.68 29.93 9.82
CA ASP A 92 5.62 29.18 11.09
C ASP A 92 5.67 27.67 10.82
N VAL A 93 4.88 27.19 9.83
CA VAL A 93 4.85 25.79 9.36
C VAL A 93 5.22 25.77 7.87
N ASN A 94 6.24 24.95 7.50
CA ASN A 94 6.79 24.83 6.15
C ASN A 94 5.71 24.58 5.07
N PRO A 95 5.69 25.38 3.97
CA PRO A 95 4.63 25.24 2.94
C PRO A 95 4.45 23.83 2.34
N PHE A 96 5.55 23.06 2.20
CA PHE A 96 5.49 21.69 1.69
C PHE A 96 4.72 20.81 2.68
N ILE A 97 4.98 20.98 3.99
CA ILE A 97 4.31 20.25 5.08
C ILE A 97 2.80 20.52 4.98
N SER A 98 2.42 21.79 4.76
CA SER A 98 1.04 22.26 4.59
C SER A 98 0.40 21.66 3.33
N MET A 99 1.19 21.46 2.24
CA MET A 99 0.72 20.87 0.99
C MET A 99 0.25 19.43 1.19
N LEU A 100 0.93 18.70 2.08
CA LEU A 100 0.62 17.32 2.48
C LEU A 100 -0.72 17.17 3.26
N SER A 101 -1.36 18.29 3.69
CA SER A 101 -2.66 18.28 4.38
C SER A 101 -3.76 17.98 3.38
N PHE A 102 -3.51 18.36 2.11
CA PHE A 102 -4.43 18.17 1.01
C PHE A 102 -4.14 16.90 0.25
N ASP A 103 -5.20 16.12 -0.02
CA ASP A 103 -5.14 14.87 -0.79
C ASP A 103 -4.58 15.09 -2.18
N LYS A 104 -4.87 16.26 -2.79
CA LYS A 104 -4.31 16.61 -4.11
C LYS A 104 -2.75 16.74 -4.03
N GLY A 105 -2.24 17.22 -2.91
CA GLY A 105 -0.81 17.30 -2.64
C GLY A 105 -0.15 15.93 -2.54
N ILE A 106 -0.82 15.00 -1.83
CA ILE A 106 -0.38 13.61 -1.58
C ILE A 106 -0.32 12.77 -2.86
N LYS A 107 -1.36 12.83 -3.68
CA LYS A 107 -1.52 12.08 -4.93
C LYS A 107 -0.42 12.34 -6.00
N ILE A 108 0.25 13.52 -5.95
CA ILE A 108 1.28 13.85 -6.94
C ILE A 108 2.71 13.48 -6.46
N MET A 109 2.88 13.08 -5.17
CA MET A 109 4.17 12.68 -4.57
C MET A 109 4.96 11.62 -5.40
N PRO A 110 4.37 10.47 -5.86
CA PRO A 110 5.16 9.52 -6.69
C PRO A 110 5.69 10.13 -7.99
N ARG A 111 4.92 11.06 -8.58
CA ARG A 111 5.24 11.74 -9.83
C ARG A 111 6.35 12.77 -9.62
N ILE A 112 6.39 13.40 -8.42
CA ILE A 112 7.42 14.35 -8.03
C ILE A 112 8.78 13.60 -7.95
N PHE A 113 8.79 12.42 -7.29
CA PHE A 113 9.97 11.56 -7.08
C PHE A 113 10.56 11.02 -8.37
N ASN A 114 9.76 10.99 -9.46
CA ASN A 114 10.22 10.59 -10.79
C ASN A 114 11.22 11.61 -11.36
N PHE A 115 11.15 12.88 -10.92
CA PHE A 115 11.98 13.96 -11.44
C PHE A 115 12.95 14.55 -10.40
N LEU A 116 13.26 13.79 -9.34
CA LEU A 116 14.19 14.23 -8.33
C LEU A 116 15.38 13.28 -8.27
N ASP A 117 16.54 13.80 -7.83
CA ASP A 117 17.75 13.01 -7.62
C ASP A 117 17.77 12.49 -6.16
N LYS A 118 18.82 11.75 -5.75
CA LYS A 118 18.96 11.15 -4.42
C LYS A 118 18.89 12.14 -3.26
N GLN A 119 19.70 13.23 -3.31
CA GLN A 119 19.77 14.25 -2.26
C GLN A 119 18.46 15.03 -2.08
N GLN A 120 17.76 15.33 -3.20
CA GLN A 120 16.47 16.03 -3.18
C GLN A 120 15.42 15.21 -2.43
N LYS A 121 15.32 13.91 -2.75
CA LYS A 121 14.41 12.95 -2.15
C LYS A 121 14.69 12.84 -0.64
N LEU A 122 15.99 12.83 -0.25
CA LEU A 122 16.44 12.78 1.13
C LEU A 122 16.04 14.06 1.89
N LYS A 123 16.16 15.25 1.26
CA LYS A 123 15.74 16.53 1.86
C LYS A 123 14.23 16.48 2.22
N ILE A 124 13.41 15.87 1.33
CA ILE A 124 11.97 15.69 1.52
C ILE A 124 11.70 14.77 2.73
N LEU A 125 12.35 13.60 2.77
CA LEU A 125 12.21 12.63 3.86
C LEU A 125 12.62 13.27 5.21
N GLN A 126 13.73 14.05 5.23
CA GLN A 126 14.24 14.78 6.39
C GLN A 126 13.27 15.85 6.88
N LYS A 127 12.64 16.62 5.96
CA LYS A 127 11.64 17.66 6.32
C LYS A 127 10.40 17.01 6.93
N ILE A 128 9.97 15.86 6.38
CA ILE A 128 8.83 15.06 6.85
C ILE A 128 9.12 14.53 8.28
N PHE A 129 10.31 13.92 8.50
CA PHE A 129 10.70 13.39 9.81
C PHE A 129 10.87 14.48 10.86
N ASN A 130 11.53 15.59 10.48
CA ASN A 130 11.79 16.77 11.32
C ASN A 130 10.52 17.43 11.81
N GLU A 131 9.43 17.40 11.01
CA GLU A 131 8.16 18.05 11.34
C GLU A 131 6.95 17.10 11.44
N LEU A 132 7.20 15.78 11.72
CA LEU A 132 6.18 14.73 11.82
C LEU A 132 5.00 15.09 12.71
N SER A 133 5.25 15.64 13.91
CA SER A 133 4.22 16.04 14.89
C SER A 133 3.35 17.21 14.39
N HIS A 134 3.87 18.03 13.45
CA HIS A 134 3.16 19.18 12.87
C HIS A 134 2.45 18.81 11.54
N LEU A 135 2.46 17.53 11.19
CA LEU A 135 1.78 16.99 10.03
C LEU A 135 0.36 16.65 10.49
N GLN A 136 -0.65 17.24 9.81
CA GLN A 136 -2.05 17.05 10.18
C GLN A 136 -2.52 15.60 10.03
N ILE A 137 -1.85 14.81 9.15
CA ILE A 137 -2.21 13.42 8.95
C ILE A 137 -1.89 12.60 10.21
N ILE A 138 -0.81 12.98 10.95
CA ILE A 138 -0.40 12.38 12.21
C ILE A 138 -1.43 12.77 13.28
N ILE A 139 -1.83 14.07 13.33
CA ILE A 139 -2.87 14.57 14.23
C ILE A 139 -4.23 13.87 13.96
N LEU A 140 -4.54 13.55 12.69
CA LEU A 140 -5.80 12.88 12.34
C LEU A 140 -5.79 11.37 12.65
N SER A 141 -4.62 10.71 12.53
CA SER A 141 -4.45 9.27 12.76
C SER A 141 -4.18 8.90 14.20
N SER A 142 -3.92 9.91 15.05
CA SER A 142 -3.68 9.71 16.48
C SER A 142 -5.00 9.64 17.22
N TYR A 143 -5.19 8.57 18.01
CA TYR A 143 -6.39 8.36 18.84
C TYR A 143 -6.42 9.40 19.98
N LYS A 144 -5.27 10.04 20.27
CA LYS A 144 -5.16 11.03 21.33
C LYS A 144 -5.70 12.39 20.88
N THR A 145 -5.25 12.90 19.72
CA THR A 145 -5.72 14.17 19.15
C THR A 145 -7.03 14.05 18.39
N THR A 146 -7.28 12.88 17.78
CA THR A 146 -8.51 12.61 17.04
C THR A 146 -9.15 11.31 17.58
N PRO A 147 -9.87 11.40 18.74
CA PRO A 147 -10.53 10.19 19.29
C PRO A 147 -11.70 9.69 18.46
N LYS A 148 -12.36 10.59 17.71
CA LYS A 148 -13.53 10.24 16.89
C LYS A 148 -13.35 10.67 15.40
N PRO A 149 -12.44 10.03 14.61
CA PRO A 149 -12.29 10.46 13.21
C PRO A 149 -13.51 10.19 12.35
N THR A 150 -13.77 11.06 11.37
CA THR A 150 -14.87 10.85 10.43
C THR A 150 -14.37 9.87 9.36
N LEU A 151 -15.29 9.24 8.61
CA LEU A 151 -14.94 8.32 7.53
C LEU A 151 -14.04 9.01 6.47
N THR A 152 -14.29 10.30 6.22
CA THR A 152 -13.52 11.13 5.31
C THR A 152 -12.07 11.26 5.86
N GLN A 153 -11.95 11.53 7.17
CA GLN A 153 -10.64 11.63 7.84
C GLN A 153 -9.88 10.29 7.78
N LEU A 154 -10.60 9.16 7.95
CA LEU A 154 -10.02 7.82 7.83
C LEU A 154 -9.55 7.50 6.38
N LYS A 155 -10.25 8.02 5.35
CA LYS A 155 -9.86 7.80 3.96
C LYS A 155 -8.58 8.55 3.60
N LYS A 156 -8.43 9.77 4.14
CA LYS A 156 -7.25 10.62 3.98
C LYS A 156 -6.02 9.93 4.61
N VAL A 157 -6.21 9.34 5.82
CA VAL A 157 -5.18 8.60 6.56
C VAL A 157 -4.70 7.41 5.72
N ASP A 158 -5.65 6.65 5.13
CA ASP A 158 -5.36 5.49 4.28
C ASP A 158 -4.71 5.85 2.94
N LEU A 159 -5.09 6.99 2.36
CA LEU A 159 -4.50 7.47 1.11
C LEU A 159 -3.02 7.80 1.35
N PHE A 160 -2.75 8.58 2.40
CA PHE A 160 -1.43 8.98 2.85
C PHE A 160 -0.57 7.75 3.14
N GLN A 161 -1.11 6.76 3.88
CA GLN A 161 -0.36 5.56 4.21
C GLN A 161 0.08 4.75 2.97
N MET A 162 -0.83 4.47 2.01
CA MET A 162 -0.45 3.68 0.83
C MET A 162 0.45 4.46 -0.17
N ILE A 163 0.40 5.81 -0.20
CA ILE A 163 1.25 6.61 -1.09
C ILE A 163 2.62 6.94 -0.46
N ILE A 164 2.64 7.64 0.70
CA ILE A 164 3.85 8.12 1.35
C ILE A 164 4.74 7.00 1.94
N LEU A 165 4.14 5.91 2.43
CA LEU A 165 4.96 4.83 2.99
C LEU A 165 5.55 3.94 1.88
N LYS A 166 4.88 3.86 0.72
CA LYS A 166 5.35 3.14 -0.47
C LYS A 166 6.58 3.85 -1.02
N ILE A 167 6.54 5.19 -1.05
CA ILE A 167 7.65 6.05 -1.50
C ILE A 167 8.85 5.91 -0.58
N ILE A 168 8.61 5.87 0.75
CA ILE A 168 9.70 5.78 1.75
C ILE A 168 10.36 4.39 1.70
N VAL A 169 9.57 3.32 1.61
CA VAL A 169 10.06 1.93 1.51
C VAL A 169 10.95 1.76 0.25
N SER A 170 10.49 2.28 -0.90
CA SER A 170 11.18 2.21 -2.18
C SER A 170 12.52 2.95 -2.13
N PHE A 171 12.57 4.16 -1.54
CA PHE A 171 13.79 4.95 -1.41
C PHE A 171 14.83 4.32 -0.45
N LEU A 172 14.39 3.88 0.74
CA LEU A 172 15.28 3.32 1.76
C LEU A 172 15.87 1.95 1.43
N SER A 173 15.08 1.07 0.76
CA SER A 173 15.53 -0.28 0.39
C SER A 173 16.49 -0.24 -0.79
N ASN A 174 16.15 0.56 -1.82
CA ASN A 174 16.98 0.70 -3.02
C ASN A 174 16.98 2.16 -3.56
N ASN A 175 17.94 3.01 -3.12
CA ASN A 175 19.01 2.67 -2.18
C ASN A 175 19.35 3.84 -1.23
N SER A 176 19.63 3.50 0.06
CA SER A 176 20.04 4.42 1.11
C SER A 176 21.04 3.74 2.05
N ASN A 177 22.18 4.42 2.34
CA ASN A 177 23.25 3.90 3.20
C ASN A 177 22.98 4.10 4.71
N PHE A 178 23.76 3.38 5.57
CA PHE A 178 23.69 3.37 7.04
C PHE A 178 23.58 4.76 7.68
N ILE A 179 24.52 5.67 7.33
CA ILE A 179 24.60 7.05 7.81
C ILE A 179 23.27 7.81 7.58
N GLU A 180 22.63 7.60 6.41
CA GLU A 180 21.36 8.22 6.02
C GLU A 180 20.15 7.70 6.80
N ILE A 181 20.06 6.36 7.01
CA ILE A 181 18.96 5.76 7.78
C ILE A 181 19.08 6.18 9.26
N MET A 182 20.33 6.16 9.81
CA MET A 182 20.65 6.59 11.18
C MET A 182 20.29 8.07 11.38
N GLY A 183 20.57 8.87 10.36
CA GLY A 183 20.25 10.29 10.31
C GLY A 183 18.75 10.56 10.37
N LEU A 184 17.94 9.75 9.63
CA LEU A 184 16.47 9.89 9.62
C LEU A 184 15.84 9.52 10.96
N LEU A 185 16.39 8.50 11.63
CA LEU A 185 15.94 8.02 12.94
C LEU A 185 16.19 9.10 13.98
N LEU A 186 17.41 9.65 13.99
CA LEU A 186 17.86 10.72 14.88
C LEU A 186 17.03 11.98 14.67
N GLN A 187 16.69 12.30 13.42
CA GLN A 187 15.82 13.43 13.05
C GLN A 187 14.44 13.25 13.71
N LEU A 188 13.89 12.01 13.59
CA LEU A 188 12.60 11.60 14.14
C LEU A 188 12.61 11.65 15.68
N ILE A 189 13.64 11.07 16.32
CA ILE A 189 13.75 11.00 17.78
C ILE A 189 13.98 12.41 18.41
N ARG A 190 14.85 13.24 17.81
CA ARG A 190 15.20 14.57 18.35
C ARG A 190 14.18 15.69 18.12
N ASN A 191 13.38 15.61 17.04
CA ASN A 191 12.46 16.70 16.73
C ASN A 191 10.99 16.36 17.05
N ASN A 192 10.76 15.23 17.74
CA ASN A 192 9.40 14.78 18.10
C ASN A 192 9.30 14.02 19.42
N ASN A 193 8.11 14.12 20.04
CA ASN A 193 7.71 13.33 21.18
C ASN A 193 7.34 11.97 20.51
N VAL A 194 8.26 10.98 20.62
CA VAL A 194 8.15 9.64 20.00
C VAL A 194 6.90 8.89 20.48
N SER A 195 6.57 8.98 21.80
CA SER A 195 5.36 8.35 22.35
C SER A 195 4.09 8.89 21.69
N PHE A 196 4.00 10.22 21.43
CA PHE A 196 2.86 10.78 20.69
C PHE A 196 2.76 10.18 19.26
N LEU A 197 3.90 9.97 18.58
CA LEU A 197 3.90 9.41 17.23
C LEU A 197 3.38 7.98 17.19
N THR A 198 3.68 7.20 18.26
CA THR A 198 3.25 5.80 18.37
C THR A 198 1.74 5.65 18.60
N THR A 199 1.02 6.75 18.92
CA THR A 199 -0.44 6.77 19.10
C THR A 199 -1.14 6.90 17.70
N SER A 200 -0.35 7.19 16.67
CA SER A 200 -0.75 7.33 15.27
C SER A 200 -0.28 6.11 14.47
N LYS A 201 -1.17 5.52 13.68
CA LYS A 201 -0.87 4.37 12.82
C LYS A 201 0.24 4.72 11.79
N ILE A 202 0.24 5.96 11.26
CA ILE A 202 1.26 6.40 10.29
C ILE A 202 2.61 6.55 10.99
N GLY A 203 2.59 7.19 12.16
CA GLY A 203 3.75 7.39 13.03
C GLY A 203 4.43 6.08 13.40
N LEU A 204 3.63 5.10 13.89
CA LEU A 204 4.11 3.75 14.28
C LEU A 204 4.71 3.02 13.08
N ASN A 205 3.98 3.02 11.95
CA ASN A 205 4.40 2.37 10.71
C ASN A 205 5.64 2.99 10.10
N LEU A 206 5.85 4.32 10.27
CA LEU A 206 7.06 5.00 9.79
C LEU A 206 8.27 4.57 10.63
N ILE A 207 8.10 4.45 11.96
CA ILE A 207 9.14 4.00 12.91
C ILE A 207 9.55 2.55 12.60
N THR A 208 8.56 1.66 12.35
CA THR A 208 8.80 0.24 12.02
C THR A 208 9.67 0.09 10.76
N ILE A 209 9.36 0.89 9.70
CA ILE A 209 10.10 0.92 8.43
C ILE A 209 11.59 1.24 8.70
N LEU A 210 11.85 2.31 9.50
CA LEU A 210 13.19 2.75 9.89
C LEU A 210 13.97 1.72 10.72
N ILE A 211 13.32 1.05 11.70
CA ILE A 211 13.96 0.04 12.57
C ILE A 211 14.29 -1.21 11.77
N SER A 212 13.33 -1.68 10.95
CA SER A 212 13.47 -2.90 10.16
C SER A 212 14.55 -2.79 9.09
N ARG A 213 14.75 -1.57 8.53
CA ARG A 213 15.78 -1.31 7.51
C ARG A 213 17.16 -1.29 8.16
N ALA A 214 17.27 -0.64 9.34
CA ALA A 214 18.48 -0.56 10.16
C ALA A 214 18.92 -1.97 10.59
N ALA A 215 17.95 -2.84 10.96
CA ALA A 215 18.21 -4.23 11.36
C ALA A 215 18.80 -5.08 10.23
N LEU A 216 18.49 -4.73 8.96
CA LEU A 216 18.98 -5.43 7.77
C LEU A 216 20.32 -4.88 7.29
N ILE A 217 20.55 -3.55 7.44
CA ILE A 217 21.73 -2.83 6.98
C ILE A 217 23.05 -3.30 7.64
N LYS A 218 23.01 -3.89 8.86
CA LYS A 218 24.25 -4.36 9.49
C LYS A 218 24.31 -5.88 9.64
N GLN A 219 25.27 -6.50 8.92
CA GLN A 219 25.52 -7.94 8.88
C GLN A 219 26.70 -8.31 9.78
N SER A 233 27.37 -0.83 15.36
CA SER A 233 27.40 -0.51 16.79
C SER A 233 26.85 0.89 17.11
N THR A 234 26.76 1.76 16.08
CA THR A 234 26.19 3.11 16.17
C THR A 234 24.65 2.96 16.25
N TRP A 235 24.09 1.97 15.52
CA TRP A 235 22.67 1.61 15.53
C TRP A 235 22.25 1.19 16.93
N ASN A 236 23.12 0.46 17.67
CA ASN A 236 22.87 0.03 19.04
C ASN A 236 22.64 1.24 19.95
N GLU A 237 23.39 2.33 19.74
CA GLU A 237 23.24 3.59 20.49
C GLU A 237 21.97 4.34 20.09
N ILE A 238 21.63 4.36 18.76
CA ILE A 238 20.44 5.02 18.20
C ILE A 238 19.17 4.29 18.70
N TYR A 239 19.20 2.94 18.68
CA TYR A 239 18.11 2.07 19.14
C TYR A 239 17.79 2.36 20.60
N ASP A 240 18.84 2.47 21.45
CA ASP A 240 18.69 2.73 22.87
C ASP A 240 18.11 4.12 23.13
N LYS A 241 18.42 5.12 22.27
CA LYS A 241 17.86 6.48 22.34
C LYS A 241 16.35 6.41 22.05
N LEU A 242 15.94 5.56 21.06
CA LEU A 242 14.56 5.30 20.69
C LEU A 242 13.88 4.57 21.85
N PHE A 243 14.54 3.52 22.41
CA PHE A 243 14.00 2.75 23.52
C PHE A 243 13.75 3.66 24.74
N THR A 244 14.68 4.60 25.04
CA THR A 244 14.59 5.61 26.12
C THR A 244 13.31 6.42 25.99
N SER A 245 13.03 6.92 24.77
CA SER A 245 11.84 7.73 24.49
C SER A 245 10.52 6.95 24.57
N LEU A 246 10.59 5.60 24.61
CA LEU A 246 9.39 4.74 24.65
C LEU A 246 9.11 4.05 25.97
N GLU A 247 10.17 3.73 26.73
CA GLU A 247 10.11 3.04 28.01
C GLU A 247 9.11 3.71 28.97
N SER A 248 8.19 2.88 29.53
CA SER A 248 7.07 3.16 30.44
C SER A 248 5.82 3.66 29.68
N LYS A 249 5.91 3.76 28.33
CA LYS A 249 4.82 4.21 27.44
C LYS A 249 4.52 3.24 26.28
N ILE A 250 5.18 2.06 26.23
CA ILE A 250 5.02 1.06 25.13
C ILE A 250 3.53 0.60 24.94
N GLN A 251 2.75 0.47 26.04
CA GLN A 251 1.33 0.08 25.98
C GLN A 251 0.45 1.12 25.23
N LEU A 252 0.88 2.40 25.19
CA LEU A 252 0.13 3.50 24.56
C LEU A 252 0.05 3.38 23.01
N ILE A 253 0.77 2.40 22.41
CA ILE A 253 0.69 2.10 20.97
C ILE A 253 -0.68 1.42 20.66
N PHE A 254 -1.26 0.77 21.69
CA PHE A 254 -2.56 0.10 21.62
C PHE A 254 -3.70 1.11 21.89
N PRO A 255 -4.53 1.45 20.86
CA PRO A 255 -5.63 2.41 21.08
C PRO A 255 -6.69 1.91 22.07
N PRO A 256 -7.35 2.82 22.83
CA PRO A 256 -8.40 2.35 23.75
C PRO A 256 -9.60 1.76 22.99
N ARG A 257 -10.33 0.86 23.66
CA ARG A 257 -11.48 0.12 23.14
C ARG A 257 -12.54 1.00 22.46
N GLU A 258 -12.87 2.19 23.03
CA GLU A 258 -13.87 3.15 22.51
C GLU A 258 -13.45 3.68 21.14
N TYR A 259 -12.13 3.81 20.91
CA TYR A 259 -11.58 4.24 19.63
C TYR A 259 -11.77 3.12 18.60
N ASN A 260 -11.40 1.88 18.96
CA ASN A 260 -11.56 0.70 18.11
C ASN A 260 -13.03 0.44 17.77
N ASP A 261 -13.95 0.65 18.75
CA ASP A 261 -15.39 0.46 18.51
C ASP A 261 -15.92 1.49 17.51
N HIS A 262 -15.41 2.73 17.62
CA HIS A 262 -15.72 3.83 16.72
C HIS A 262 -15.20 3.55 15.29
N ILE A 263 -13.95 3.04 15.13
CA ILE A 263 -13.38 2.72 13.80
C ILE A 263 -14.22 1.62 13.11
N MET A 264 -14.65 0.62 13.91
CA MET A 264 -15.44 -0.54 13.49
C MET A 264 -16.84 -0.18 12.98
N ARG A 265 -17.55 0.75 13.66
CA ARG A 265 -18.89 1.17 13.26
C ARG A 265 -18.85 1.84 11.87
N LEU A 266 -17.86 2.74 11.66
CA LEU A 266 -17.60 3.50 10.44
C LEU A 266 -17.25 2.63 9.22
N GLN A 267 -16.63 1.45 9.45
CA GLN A 267 -16.24 0.51 8.40
C GLN A 267 -17.15 -0.73 8.36
N ASN A 268 -18.08 -0.86 9.33
CA ASN A 268 -18.99 -2.01 9.52
C ASN A 268 -18.19 -3.32 9.48
N ASP A 269 -17.46 -3.54 10.60
CA ASP A 269 -16.57 -4.66 10.85
C ASP A 269 -16.62 -5.02 12.32
N LYS A 270 -16.34 -6.29 12.69
CA LYS A 270 -16.37 -6.71 14.10
C LYS A 270 -14.98 -7.10 14.63
N PHE A 271 -13.92 -6.81 13.85
CA PHE A 271 -12.56 -7.12 14.24
C PHE A 271 -11.61 -6.00 13.85
N MET A 272 -10.73 -5.61 14.76
CA MET A 272 -9.75 -4.57 14.48
C MET A 272 -8.46 -5.16 13.96
N ASP A 273 -7.91 -4.57 12.90
CA ASP A 273 -6.64 -5.02 12.36
C ASP A 273 -5.53 -4.35 13.19
N GLU A 274 -4.88 -5.14 14.06
CA GLU A 274 -3.77 -4.67 14.90
C GLU A 274 -2.44 -5.34 14.52
N ALA A 275 -2.35 -5.89 13.29
CA ALA A 275 -1.14 -6.52 12.76
C ALA A 275 0.05 -5.57 12.82
N TYR A 276 -0.17 -4.27 12.49
CA TYR A 276 0.86 -3.22 12.47
C TYR A 276 1.47 -2.98 13.87
N ILE A 277 0.66 -3.12 14.92
CA ILE A 277 1.09 -2.92 16.30
C ILE A 277 2.07 -4.05 16.69
N TRP A 278 1.72 -5.31 16.33
CA TRP A 278 2.55 -6.48 16.59
C TRP A 278 3.81 -6.49 15.71
N ALA A 279 3.75 -5.92 14.49
CA ALA A 279 4.86 -5.80 13.55
C ALA A 279 5.89 -4.80 14.11
N PHE A 280 5.39 -3.70 14.71
CA PHE A 280 6.23 -2.71 15.36
C PHE A 280 6.97 -3.39 16.56
N LEU A 281 6.21 -4.16 17.37
CA LEU A 281 6.74 -4.85 18.53
C LEU A 281 7.73 -5.96 18.17
N ALA A 282 7.48 -6.67 17.05
CA ALA A 282 8.35 -7.73 16.55
C ALA A 282 9.71 -7.13 16.15
N SER A 283 9.69 -5.94 15.53
CA SER A 283 10.83 -5.17 15.04
C SER A 283 11.65 -4.65 16.22
N LEU A 284 10.96 -4.03 17.21
CA LEU A 284 11.58 -3.49 18.42
C LEU A 284 12.27 -4.60 19.24
N ALA A 285 11.59 -5.75 19.43
CA ALA A 285 12.15 -6.89 20.16
C ALA A 285 13.37 -7.48 19.43
N ALA A 286 13.27 -7.57 18.08
CA ALA A 286 14.30 -8.09 17.18
C ALA A 286 15.64 -7.41 17.32
N SER A 287 15.68 -6.05 17.37
CA SER A 287 16.93 -5.27 17.49
C SER A 287 17.36 -4.99 18.94
N GLY A 288 16.61 -5.53 19.90
CA GLY A 288 16.87 -5.33 21.32
C GLY A 288 17.61 -6.45 22.00
N LYS A 289 18.30 -6.12 23.09
CA LYS A 289 19.03 -7.10 23.90
C LYS A 289 18.03 -7.65 24.94
N LEU A 290 18.41 -8.70 25.70
CA LEU A 290 17.53 -9.33 26.70
C LEU A 290 16.82 -8.33 27.63
N ASN A 291 17.55 -7.28 28.08
CA ASN A 291 17.01 -6.25 28.96
C ASN A 291 15.89 -5.43 28.30
N HIS A 292 15.98 -5.17 26.97
CA HIS A 292 14.95 -4.45 26.20
C HIS A 292 13.69 -5.34 26.04
N GLN A 293 13.89 -6.63 25.68
CA GLN A 293 12.85 -7.65 25.51
C GLN A 293 12.06 -7.88 26.81
N ARG A 294 12.75 -7.81 27.95
CA ARG A 294 12.21 -7.91 29.30
C ARG A 294 11.20 -6.77 29.55
N ILE A 295 11.61 -5.53 29.23
CA ILE A 295 10.80 -4.32 29.41
C ILE A 295 9.55 -4.38 28.50
N ILE A 296 9.74 -4.77 27.22
CA ILE A 296 8.67 -4.92 26.22
C ILE A 296 7.61 -5.91 26.73
N ILE A 297 8.05 -7.14 27.12
CA ILE A 297 7.19 -8.20 27.66
C ILE A 297 6.40 -7.70 28.88
N ASP A 298 7.09 -7.04 29.82
CA ASP A 298 6.52 -6.51 31.04
C ASP A 298 5.45 -5.44 30.76
N GLU A 299 5.73 -4.57 29.78
CA GLU A 299 4.81 -3.48 29.42
C GLU A 299 3.59 -3.93 28.61
N VAL A 300 3.71 -4.97 27.78
CA VAL A 300 2.63 -5.37 26.88
C VAL A 300 1.96 -6.68 27.29
N ARG A 301 2.35 -7.25 28.44
CA ARG A 301 1.81 -8.49 29.02
C ARG A 301 0.26 -8.60 28.93
N ASP A 302 -0.47 -7.56 29.39
CA ASP A 302 -1.95 -7.53 29.37
C ASP A 302 -2.53 -7.59 27.98
N GLU A 303 -1.85 -6.94 27.01
CA GLU A 303 -2.19 -6.94 25.58
C GLU A 303 -1.97 -8.32 24.94
N ILE A 304 -0.92 -9.06 25.36
CA ILE A 304 -0.69 -10.43 24.90
C ILE A 304 -1.86 -11.33 25.37
N PHE A 305 -2.23 -11.24 26.66
CA PHE A 305 -3.32 -12.04 27.22
C PHE A 305 -4.70 -11.61 26.71
N ALA A 306 -4.89 -10.31 26.35
CA ALA A 306 -6.15 -9.82 25.77
C ALA A 306 -6.32 -10.44 24.36
N THR A 307 -5.21 -10.55 23.58
CA THR A 307 -5.22 -11.14 22.23
C THR A 307 -5.51 -12.64 22.29
N ILE A 308 -4.90 -13.37 23.25
CA ILE A 308 -5.12 -14.81 23.49
C ILE A 308 -6.58 -15.10 23.86
N ASN A 309 -7.16 -14.28 24.77
CA ASN A 309 -8.57 -14.38 25.18
C ASN A 309 -9.48 -14.21 23.97
N GLU A 310 -9.20 -13.21 23.13
CA GLU A 310 -9.95 -12.94 21.91
C GLU A 310 -9.89 -14.13 20.93
N ALA A 311 -8.70 -14.74 20.76
CA ALA A 311 -8.49 -15.90 19.87
C ALA A 311 -9.22 -17.15 20.43
N GLU A 312 -9.15 -17.35 21.75
CA GLU A 312 -9.81 -18.48 22.42
C GLU A 312 -11.32 -18.34 22.38
N THR A 313 -11.85 -17.09 22.44
CA THR A 313 -13.29 -16.80 22.29
C THR A 313 -13.70 -17.18 20.86
N LEU A 314 -12.87 -16.84 19.84
CA LEU A 314 -13.14 -17.21 18.45
C LEU A 314 -13.05 -18.74 18.24
N GLN A 315 -12.06 -19.41 18.89
CA GLN A 315 -11.86 -20.86 18.85
C GLN A 315 -13.12 -21.59 19.36
N LYS A 316 -13.73 -21.11 20.46
CA LYS A 316 -14.94 -21.73 21.01
C LYS A 316 -16.18 -21.48 20.15
N LYS A 317 -16.29 -20.30 19.50
CA LYS A 317 -17.41 -19.95 18.60
C LYS A 317 -17.38 -20.87 17.39
N GLU A 318 -16.17 -21.20 16.92
CA GLU A 318 -15.90 -22.08 15.79
C GLU A 318 -16.40 -23.50 16.09
N LYS A 319 -15.97 -24.08 17.24
CA LYS A 319 -16.31 -25.43 17.68
C LYS A 319 -17.83 -25.64 17.84
N GLU A 320 -18.51 -24.65 18.45
CA GLU A 320 -19.95 -24.65 18.71
C GLU A 320 -20.79 -24.58 17.41
N LEU A 321 -20.32 -23.83 16.40
CA LEU A 321 -21.01 -23.69 15.13
C LEU A 321 -20.73 -24.85 14.16
N SER A 322 -19.50 -25.43 14.22
CA SER A 322 -19.09 -26.54 13.36
C SER A 322 -19.82 -27.87 13.67
N VAL A 323 -20.27 -28.07 14.92
CA VAL A 323 -20.96 -29.30 15.33
C VAL A 323 -22.42 -29.33 14.83
N LEU A 324 -22.98 -28.16 14.44
CA LEU A 324 -24.33 -28.01 13.92
C LEU A 324 -24.55 -28.89 12.68
N PRO A 325 -25.49 -29.88 12.74
CA PRO A 325 -25.69 -30.78 11.58
C PRO A 325 -26.11 -30.04 10.31
N GLN A 326 -27.16 -29.19 10.40
CA GLN A 326 -27.63 -28.39 9.27
C GLN A 326 -26.71 -27.18 9.11
N ARG A 327 -26.24 -26.95 7.87
CA ARG A 327 -25.37 -25.82 7.55
C ARG A 327 -25.75 -25.23 6.20
N SER A 328 -26.10 -23.94 6.21
CA SER A 328 -26.42 -23.18 5.01
C SER A 328 -25.11 -22.51 4.53
N GLN A 329 -25.17 -21.76 3.42
CA GLN A 329 -24.02 -21.04 2.87
C GLN A 329 -23.66 -19.86 3.78
N GLU A 330 -24.66 -19.35 4.53
CA GLU A 330 -24.50 -18.24 5.46
C GLU A 330 -23.76 -18.70 6.73
N LEU A 331 -24.03 -19.94 7.20
CA LEU A 331 -23.33 -20.51 8.35
C LEU A 331 -21.88 -20.84 7.92
N ASP A 332 -21.70 -21.26 6.64
CA ASP A 332 -20.40 -21.57 6.03
C ASP A 332 -19.54 -20.29 6.02
N THR A 333 -20.14 -19.16 5.57
CA THR A 333 -19.53 -17.84 5.53
C THR A 333 -19.10 -17.39 6.94
N GLU A 334 -19.97 -17.55 7.95
CA GLU A 334 -19.68 -17.16 9.34
C GLU A 334 -18.49 -17.94 9.91
N LEU A 335 -18.46 -19.28 9.69
CA LEU A 335 -17.38 -20.16 10.14
C LEU A 335 -16.02 -19.80 9.53
N LYS A 336 -15.98 -19.48 8.23
CA LYS A 336 -14.78 -19.07 7.49
C LYS A 336 -14.29 -17.74 8.00
N SER A 337 -15.22 -16.81 8.28
CA SER A 337 -14.93 -15.49 8.85
C SER A 337 -14.32 -15.65 10.26
N ILE A 338 -14.87 -16.56 11.08
CA ILE A 338 -14.38 -16.85 12.44
C ILE A 338 -12.98 -17.47 12.37
N ILE A 339 -12.80 -18.53 11.54
CA ILE A 339 -11.54 -19.26 11.32
C ILE A 339 -10.46 -18.27 10.87
N TYR A 340 -10.79 -17.38 9.90
CA TYR A 340 -9.88 -16.38 9.35
C TYR A 340 -9.37 -15.41 10.44
N ASN A 341 -10.29 -14.88 11.25
CA ASN A 341 -9.97 -13.96 12.33
C ASN A 341 -9.22 -14.63 13.48
N LYS A 342 -9.59 -15.89 13.83
CA LYS A 342 -8.89 -16.67 14.84
C LYS A 342 -7.42 -16.89 14.44
N GLU A 343 -7.20 -17.26 13.16
CA GLU A 343 -5.87 -17.52 12.62
C GLU A 343 -5.04 -16.25 12.45
N LYS A 344 -5.70 -15.13 12.15
CA LYS A 344 -5.02 -13.84 12.00
C LYS A 344 -4.41 -13.41 13.36
N LEU A 345 -5.15 -13.58 14.46
CA LEU A 345 -4.70 -13.24 15.82
C LEU A 345 -3.49 -14.07 16.22
N TYR A 346 -3.48 -15.39 15.92
CA TYR A 346 -2.38 -16.31 16.19
C TYR A 346 -1.13 -15.84 15.44
N GLN A 347 -1.28 -15.55 14.12
CA GLN A 347 -0.20 -15.13 13.23
C GLN A 347 0.42 -13.78 13.61
N ASP A 348 -0.41 -12.78 13.96
CA ASP A 348 0.01 -11.43 14.33
C ASP A 348 0.82 -11.45 15.63
N LEU A 349 0.32 -12.20 16.65
CA LEU A 349 0.99 -12.35 17.95
C LEU A 349 2.29 -13.16 17.79
N ASN A 350 2.26 -14.21 16.96
CA ASN A 350 3.43 -15.05 16.70
C ASN A 350 4.51 -14.32 15.92
N LEU A 351 4.19 -13.27 15.15
CA LEU A 351 5.22 -12.50 14.44
C LEU A 351 6.15 -11.87 15.49
N PHE A 352 5.56 -11.42 16.61
CA PHE A 352 6.23 -10.84 17.76
C PHE A 352 6.91 -11.91 18.64
N LEU A 353 6.17 -12.94 19.10
CA LEU A 353 6.70 -13.97 20.00
C LEU A 353 7.89 -14.79 19.46
N ASN A 354 7.82 -15.20 18.17
CA ASN A 354 8.86 -16.01 17.50
C ASN A 354 10.23 -15.36 17.51
N VAL A 355 10.27 -14.03 17.38
CA VAL A 355 11.45 -13.19 17.42
C VAL A 355 12.23 -13.43 18.73
N MET A 356 11.51 -13.67 19.83
CA MET A 356 12.12 -13.95 21.13
C MET A 356 12.17 -15.45 21.41
N GLY A 357 12.00 -16.25 20.36
CA GLY A 357 12.01 -17.71 20.44
C GLY A 357 10.85 -18.31 21.22
N LEU A 358 9.72 -17.58 21.27
CA LEU A 358 8.50 -18.02 21.97
C LEU A 358 7.41 -18.32 20.95
N VAL A 359 6.43 -19.14 21.32
CA VAL A 359 5.33 -19.48 20.41
C VAL A 359 4.04 -19.73 21.18
N TYR A 360 2.91 -19.25 20.63
CA TYR A 360 1.59 -19.49 21.17
C TYR A 360 1.00 -20.66 20.37
N ARG A 361 0.95 -21.85 21.01
CA ARG A 361 0.44 -23.14 20.52
C ARG A 361 0.41 -24.20 21.68
N ASP A 362 -0.65 -25.02 21.79
CA ASP A 362 -1.85 -24.96 20.97
C ASP A 362 -2.85 -24.07 21.73
N GLY A 363 -2.79 -24.14 23.05
CA GLY A 363 -3.58 -23.32 23.95
C GLY A 363 -2.76 -22.42 24.85
N GLU A 364 -1.41 -22.51 24.76
CA GLU A 364 -0.49 -21.73 25.61
C GLU A 364 0.80 -21.25 24.93
N ILE A 365 1.58 -20.41 25.66
CA ILE A 365 2.87 -19.86 25.24
C ILE A 365 3.99 -20.80 25.75
N SER A 366 4.93 -21.15 24.88
CA SER A 366 6.06 -22.02 25.18
C SER A 366 7.27 -21.65 24.33
N GLU A 367 8.44 -22.22 24.63
CA GLU A 367 9.65 -21.97 23.87
C GLU A 367 9.54 -22.63 22.51
N LEU A 368 9.89 -21.86 21.47
CA LEU A 368 9.91 -22.28 20.09
C LEU A 368 11.06 -23.28 19.93
N LYS A 369 10.69 -24.50 19.56
CA LYS A 369 11.48 -25.71 19.29
C LYS A 369 12.84 -25.43 18.66
N GLY B 46 -2.53 -28.97 -5.08
CA GLY B 46 -2.64 -29.93 -3.99
C GLY B 46 -1.34 -30.64 -3.63
N GLY B 47 -1.27 -31.26 -2.44
CA GLY B 47 -2.32 -31.31 -1.42
C GLY B 47 -2.20 -30.20 -0.40
N LYS B 48 -3.35 -29.63 0.03
CA LYS B 48 -3.42 -28.51 0.98
C LYS B 48 -2.86 -28.83 2.38
N LYS B 49 -2.92 -30.10 2.81
CA LYS B 49 -2.36 -30.53 4.11
C LYS B 49 -0.83 -30.52 4.03
N PHE B 50 -0.29 -30.83 2.83
CA PHE B 50 1.14 -30.85 2.49
C PHE B 50 1.68 -29.43 2.29
N ILE B 51 0.89 -28.55 1.64
CA ILE B 51 1.27 -27.16 1.37
C ILE B 51 1.37 -26.36 2.69
N LEU B 52 0.61 -26.77 3.72
CA LEU B 52 0.64 -26.11 5.03
C LEU B 52 1.94 -26.36 5.78
N GLU B 53 2.46 -27.61 5.76
CA GLU B 53 3.75 -27.96 6.39
C GLU B 53 4.94 -27.37 5.62
N LEU B 54 4.75 -27.07 4.31
CA LEU B 54 5.74 -26.45 3.45
C LEU B 54 5.95 -24.98 3.85
N ILE B 55 4.85 -24.27 4.21
CA ILE B 55 4.85 -22.89 4.70
C ILE B 55 5.56 -22.88 6.07
N GLU B 56 5.31 -23.91 6.92
CA GLU B 56 5.94 -24.09 8.23
C GLU B 56 7.46 -24.27 8.08
N THR B 57 7.89 -25.02 7.04
CA THR B 57 9.28 -25.30 6.70
C THR B 57 9.97 -24.00 6.25
N VAL B 58 9.23 -23.14 5.49
CA VAL B 58 9.70 -21.84 5.03
C VAL B 58 9.87 -20.88 6.24
N TYR B 59 8.89 -20.89 7.17
CA TYR B 59 8.87 -20.08 8.41
C TYR B 59 10.04 -20.41 9.30
N GLU B 60 10.34 -21.73 9.44
CA GLU B 60 11.46 -22.30 10.20
C GLU B 60 12.76 -21.78 9.64
N GLU B 61 12.89 -21.76 8.29
CA GLU B 61 14.06 -21.29 7.56
C GLU B 61 14.29 -19.80 7.68
N ILE B 62 13.22 -19.00 7.54
CA ILE B 62 13.26 -17.54 7.68
C ILE B 62 13.70 -17.18 9.10
N LEU B 63 13.13 -17.86 10.12
CA LEU B 63 13.47 -17.64 11.53
C LEU B 63 14.93 -18.04 11.83
N ASP B 64 15.45 -19.09 11.16
CA ASP B 64 16.84 -19.53 11.27
C ASP B 64 17.79 -18.46 10.67
N LEU B 65 17.40 -17.91 9.52
CA LEU B 65 18.12 -16.87 8.78
C LEU B 65 18.13 -15.56 9.57
N GLU B 66 16.96 -15.18 10.14
CA GLU B 66 16.77 -13.99 10.98
C GLU B 66 17.56 -14.05 12.29
N ALA B 67 17.64 -15.24 12.94
CA ALA B 67 18.40 -15.44 14.18
C ALA B 67 19.90 -15.28 13.96
N ASN B 68 20.43 -15.76 12.82
CA ASN B 68 21.85 -15.65 12.46
C ASN B 68 22.26 -14.21 12.13
N LEU B 69 21.37 -13.45 11.46
CA LEU B 69 21.60 -12.03 11.12
C LEU B 69 21.65 -11.17 12.39
N ARG B 70 20.81 -11.51 13.38
CA ARG B 70 20.73 -10.86 14.69
C ARG B 70 22.01 -11.17 15.50
N ASN B 71 22.55 -12.40 15.35
CA ASN B 71 23.74 -12.88 16.06
C ASN B 71 25.06 -12.51 15.38
N GLY B 72 24.99 -11.88 14.20
CA GLY B 72 26.17 -11.48 13.43
C GLY B 72 26.86 -12.64 12.74
N GLN B 73 26.14 -13.77 12.58
CA GLN B 73 26.61 -14.99 11.93
C GLN B 73 26.19 -14.95 10.45
N GLN B 74 26.97 -15.60 9.56
CA GLN B 74 26.64 -15.62 8.14
C GLN B 74 25.37 -16.42 7.85
N THR B 75 24.62 -16.00 6.81
CA THR B 75 23.35 -16.61 6.43
C THR B 75 23.43 -17.33 5.08
N ASP B 76 22.91 -18.57 5.03
CA ASP B 76 22.88 -19.39 3.83
C ASP B 76 21.43 -19.71 3.47
N SER B 77 20.95 -19.03 2.42
CA SER B 77 19.57 -19.10 1.91
C SER B 77 19.25 -20.33 1.03
N THR B 78 20.19 -21.29 0.87
CA THR B 78 19.99 -22.48 0.03
C THR B 78 18.80 -23.34 0.49
N ALA B 79 18.73 -23.66 1.80
CA ALA B 79 17.66 -24.46 2.42
C ALA B 79 16.30 -23.76 2.37
N MET B 80 16.32 -22.42 2.36
CA MET B 80 15.13 -21.57 2.32
C MET B 80 14.58 -21.51 0.88
N TRP B 81 15.48 -21.30 -0.11
CA TRP B 81 15.18 -21.25 -1.55
C TRP B 81 14.59 -22.58 -2.03
N GLU B 82 15.16 -23.70 -1.56
CA GLU B 82 14.73 -25.06 -1.90
C GLU B 82 13.37 -25.44 -1.28
N ALA B 83 13.05 -24.86 -0.10
CA ALA B 83 11.79 -25.09 0.62
C ALA B 83 10.60 -24.44 -0.11
N LEU B 84 10.89 -23.48 -1.00
CA LEU B 84 9.88 -22.75 -1.79
C LEU B 84 9.30 -23.62 -2.92
N HIS B 85 10.10 -24.59 -3.45
CA HIS B 85 9.74 -25.48 -4.57
C HIS B 85 9.47 -24.65 -5.84
N ILE B 86 10.26 -23.58 -5.99
CA ILE B 86 10.22 -22.59 -7.06
C ILE B 86 10.55 -23.21 -8.44
N ASP B 87 11.49 -24.17 -8.49
CA ASP B 87 11.89 -24.86 -9.74
C ASP B 87 11.24 -26.27 -9.88
N ASP B 88 10.49 -26.71 -8.86
CA ASP B 88 9.81 -28.01 -8.81
C ASP B 88 8.63 -28.07 -9.79
N SER B 89 8.72 -28.97 -10.80
CA SER B 89 7.71 -29.16 -11.84
C SER B 89 6.88 -30.45 -11.66
N SER B 90 7.25 -31.29 -10.65
CA SER B 90 6.62 -32.57 -10.30
C SER B 90 5.12 -32.47 -9.99
N TYR B 91 4.67 -31.32 -9.45
CA TYR B 91 3.28 -31.11 -9.06
C TYR B 91 2.46 -30.26 -10.04
N ASP B 92 1.12 -30.21 -9.81
CA ASP B 92 0.15 -29.44 -10.57
C ASP B 92 -1.04 -29.03 -9.67
N VAL B 93 -1.18 -27.72 -9.32
CA VAL B 93 -0.34 -26.58 -9.71
C VAL B 93 0.91 -26.47 -8.79
N ASN B 94 1.91 -25.65 -9.20
CA ASN B 94 3.18 -25.41 -8.48
C ASN B 94 2.97 -25.11 -6.98
N PRO B 95 3.73 -25.79 -6.08
CA PRO B 95 3.56 -25.58 -4.63
C PRO B 95 3.67 -24.14 -4.14
N PHE B 96 4.62 -23.35 -4.67
CA PHE B 96 4.82 -21.94 -4.31
C PHE B 96 3.60 -21.10 -4.65
N ILE B 97 2.95 -21.37 -5.82
CA ILE B 97 1.75 -20.68 -6.28
C ILE B 97 0.57 -21.05 -5.35
N SER B 98 0.51 -22.32 -4.92
CA SER B 98 -0.48 -22.85 -3.99
C SER B 98 -0.28 -22.27 -2.59
N MET B 99 0.97 -21.95 -2.21
CA MET B 99 1.33 -21.34 -0.92
C MET B 99 0.76 -19.93 -0.79
N LEU B 100 0.74 -19.18 -1.92
CA LEU B 100 0.23 -17.81 -2.02
C LEU B 100 -1.30 -17.70 -1.86
N SER B 101 -2.00 -18.84 -1.77
CA SER B 101 -3.45 -18.90 -1.56
C SER B 101 -3.76 -18.72 -0.07
N PHE B 102 -2.76 -18.97 0.79
CA PHE B 102 -2.86 -18.84 2.24
C PHE B 102 -2.27 -17.51 2.70
N ASP B 103 -2.93 -16.87 3.69
CA ASP B 103 -2.51 -15.59 4.27
C ASP B 103 -1.15 -15.71 4.94
N LYS B 104 -0.90 -16.84 5.65
CA LYS B 104 0.37 -17.16 6.29
C LYS B 104 1.51 -17.26 5.25
N GLY B 105 1.18 -17.76 4.06
CA GLY B 105 2.12 -17.87 2.94
C GLY B 105 2.49 -16.53 2.33
N ILE B 106 1.50 -15.65 2.11
CA ILE B 106 1.73 -14.33 1.51
C ILE B 106 2.35 -13.35 2.53
N LYS B 107 2.10 -13.55 3.84
CA LYS B 107 2.64 -12.69 4.91
C LYS B 107 4.17 -12.83 5.09
N ILE B 108 4.75 -14.01 4.79
CA ILE B 108 6.21 -14.26 4.93
C ILE B 108 7.01 -13.75 3.69
N MET B 109 6.29 -13.36 2.61
CA MET B 109 6.86 -12.87 1.35
C MET B 109 7.87 -11.70 1.46
N PRO B 110 7.61 -10.58 2.20
CA PRO B 110 8.64 -9.53 2.32
C PRO B 110 9.89 -10.02 3.03
N ARG B 111 9.71 -10.92 4.02
CA ARG B 111 10.80 -11.53 4.80
C ARG B 111 11.64 -12.48 3.97
N ILE B 112 11.02 -13.17 2.98
CA ILE B 112 11.73 -14.06 2.03
C ILE B 112 12.66 -13.20 1.14
N PHE B 113 12.16 -12.04 0.68
CA PHE B 113 12.87 -11.11 -0.21
C PHE B 113 14.09 -10.43 0.45
N ASN B 114 14.17 -10.42 1.80
CA ASN B 114 15.32 -9.88 2.51
C ASN B 114 16.54 -10.81 2.39
N PHE B 115 16.31 -12.12 2.17
CA PHE B 115 17.37 -13.11 2.06
C PHE B 115 17.61 -13.67 0.63
N LEU B 116 17.09 -12.98 -0.40
CA LEU B 116 17.27 -13.39 -1.80
C LEU B 116 18.11 -12.36 -2.56
N ASP B 117 18.82 -12.81 -3.63
CA ASP B 117 19.58 -11.90 -4.49
C ASP B 117 18.67 -11.40 -5.61
N LYS B 118 19.17 -10.50 -6.48
CA LYS B 118 18.42 -9.93 -7.61
C LYS B 118 17.88 -11.02 -8.55
N GLN B 119 18.70 -12.06 -8.83
CA GLN B 119 18.36 -13.19 -9.71
C GLN B 119 17.20 -14.02 -9.17
N GLN B 120 17.24 -14.36 -7.87
CA GLN B 120 16.24 -15.16 -7.15
C GLN B 120 14.87 -14.49 -7.10
N LYS B 121 14.84 -13.16 -6.87
CA LYS B 121 13.63 -12.33 -6.79
C LYS B 121 12.91 -12.31 -8.14
N LEU B 122 13.68 -12.07 -9.21
CA LEU B 122 13.26 -12.01 -10.62
C LEU B 122 12.60 -13.34 -11.04
N LYS B 123 13.17 -14.48 -10.62
CA LYS B 123 12.63 -15.82 -10.88
C LYS B 123 11.27 -16.03 -10.21
N ILE B 124 11.11 -15.54 -8.96
CA ILE B 124 9.86 -15.60 -8.19
C ILE B 124 8.79 -14.74 -8.88
N LEU B 125 9.19 -13.51 -9.27
CA LEU B 125 8.30 -12.57 -9.96
C LEU B 125 7.89 -13.08 -11.33
N GLN B 126 8.80 -13.77 -12.06
CA GLN B 126 8.58 -14.37 -13.38
C GLN B 126 7.50 -15.46 -13.35
N LYS B 127 7.52 -16.32 -12.32
CA LYS B 127 6.54 -17.41 -12.16
C LYS B 127 5.18 -16.89 -11.67
N ILE B 128 5.16 -15.76 -10.91
CA ILE B 128 3.93 -15.12 -10.43
C ILE B 128 3.18 -14.53 -11.64
N PHE B 129 3.91 -13.79 -12.51
CA PHE B 129 3.36 -13.19 -13.73
C PHE B 129 2.93 -14.22 -14.78
N ASN B 130 3.72 -15.29 -14.93
CA ASN B 130 3.48 -16.40 -15.86
C ASN B 130 2.24 -17.23 -15.51
N GLU B 131 1.88 -17.29 -14.21
CA GLU B 131 0.74 -18.04 -13.70
C GLU B 131 -0.25 -17.13 -12.94
N LEU B 132 -0.36 -15.85 -13.38
CA LEU B 132 -1.23 -14.85 -12.75
C LEU B 132 -2.72 -15.17 -12.80
N SER B 133 -3.24 -15.59 -13.99
CA SER B 133 -4.64 -15.99 -14.24
C SER B 133 -5.03 -17.23 -13.43
N HIS B 134 -4.05 -18.05 -13.03
CA HIS B 134 -4.24 -19.29 -12.27
C HIS B 134 -4.59 -18.98 -10.83
N LEU B 135 -3.83 -18.03 -10.20
CA LEU B 135 -3.92 -17.56 -8.82
C LEU B 135 -5.34 -17.38 -8.29
N GLN B 136 -5.59 -17.93 -7.08
CA GLN B 136 -6.86 -17.86 -6.36
C GLN B 136 -7.19 -16.39 -6.02
N ILE B 137 -6.18 -15.59 -5.64
CA ILE B 137 -6.38 -14.18 -5.28
C ILE B 137 -6.88 -13.33 -6.47
N ILE B 138 -6.41 -13.64 -7.70
CA ILE B 138 -6.86 -12.97 -8.93
C ILE B 138 -8.30 -13.43 -9.23
N ILE B 139 -8.60 -14.74 -9.02
CA ILE B 139 -9.94 -15.33 -9.19
C ILE B 139 -10.93 -14.67 -8.19
N LEU B 140 -10.43 -14.31 -6.99
CA LEU B 140 -11.22 -13.68 -5.94
C LEU B 140 -11.44 -12.19 -6.15
N SER B 141 -10.43 -11.51 -6.70
CA SER B 141 -10.49 -10.07 -6.94
C SER B 141 -11.14 -9.69 -8.29
N SER B 142 -11.40 -10.68 -9.17
CA SER B 142 -12.07 -10.47 -10.45
C SER B 142 -13.59 -10.38 -10.22
N TYR B 143 -14.24 -9.30 -10.72
CA TYR B 143 -15.69 -9.14 -10.57
C TYR B 143 -16.44 -10.18 -11.42
N LYS B 144 -15.77 -10.72 -12.44
CA LYS B 144 -16.32 -11.69 -13.38
C LYS B 144 -16.47 -13.09 -12.74
N THR B 145 -15.39 -13.59 -12.10
CA THR B 145 -15.35 -14.92 -11.46
C THR B 145 -15.89 -14.90 -10.04
N THR B 146 -15.74 -13.76 -9.32
CA THR B 146 -16.27 -13.57 -7.97
C THR B 146 -17.17 -12.31 -7.96
N PRO B 147 -18.44 -12.41 -8.46
CA PRO B 147 -19.30 -11.21 -8.48
C PRO B 147 -19.82 -10.80 -7.10
N LYS B 148 -19.71 -11.71 -6.13
CA LYS B 148 -20.19 -11.48 -4.78
C LYS B 148 -19.12 -11.91 -3.77
N PRO B 149 -17.96 -11.18 -3.69
CA PRO B 149 -16.95 -11.58 -2.69
C PRO B 149 -17.40 -11.32 -1.25
N THR B 150 -17.11 -12.26 -0.32
CA THR B 150 -17.45 -12.06 1.11
C THR B 150 -16.47 -11.05 1.71
N LEU B 151 -16.83 -10.42 2.87
CA LEU B 151 -15.95 -9.45 3.56
C LEU B 151 -14.56 -10.04 3.85
N THR B 152 -14.52 -11.35 4.20
CA THR B 152 -13.29 -12.12 4.46
C THR B 152 -12.41 -12.20 3.18
N GLN B 153 -13.02 -12.50 2.01
CA GLN B 153 -12.35 -12.59 0.71
C GLN B 153 -11.75 -11.24 0.28
N LEU B 154 -12.47 -10.12 0.58
CA LEU B 154 -12.04 -8.75 0.30
C LEU B 154 -10.78 -8.43 1.11
N LYS B 155 -10.74 -8.91 2.37
CA LYS B 155 -9.62 -8.71 3.30
C LYS B 155 -8.38 -9.44 2.81
N LYS B 156 -8.59 -10.67 2.25
CA LYS B 156 -7.53 -11.49 1.66
C LYS B 156 -6.90 -10.76 0.46
N VAL B 157 -7.77 -10.13 -0.38
CA VAL B 157 -7.44 -9.36 -1.59
C VAL B 157 -6.64 -8.12 -1.24
N ASP B 158 -7.09 -7.38 -0.19
CA ASP B 158 -6.44 -6.17 0.32
C ASP B 158 -5.06 -6.46 0.89
N LEU B 159 -4.91 -7.57 1.65
CA LEU B 159 -3.63 -7.99 2.23
C LEU B 159 -2.62 -8.31 1.12
N PHE B 160 -3.02 -9.19 0.16
CA PHE B 160 -2.19 -9.59 -0.99
C PHE B 160 -1.76 -8.35 -1.80
N GLN B 161 -2.71 -7.43 -2.09
CA GLN B 161 -2.42 -6.23 -2.88
C GLN B 161 -1.32 -5.41 -2.21
N MET B 162 -1.47 -5.15 -0.90
CA MET B 162 -0.53 -4.41 -0.07
C MET B 162 0.87 -5.04 -0.12
N ILE B 163 0.94 -6.37 0.10
CA ILE B 163 2.18 -7.14 0.14
C ILE B 163 2.88 -7.23 -1.22
N ILE B 164 2.17 -7.74 -2.27
CA ILE B 164 2.77 -7.92 -3.60
C ILE B 164 3.16 -6.57 -4.26
N LEU B 165 2.30 -5.53 -4.19
CA LEU B 165 2.62 -4.23 -4.81
C LEU B 165 3.77 -3.52 -4.14
N LYS B 166 3.93 -3.68 -2.81
CA LYS B 166 5.04 -3.12 -2.02
C LYS B 166 6.36 -3.79 -2.45
N ILE B 167 6.33 -5.12 -2.66
CA ILE B 167 7.48 -5.93 -3.10
C ILE B 167 7.90 -5.56 -4.54
N ILE B 168 6.92 -5.46 -5.46
CA ILE B 168 7.17 -5.16 -6.87
C ILE B 168 7.63 -3.70 -7.08
N VAL B 169 6.92 -2.70 -6.48
CA VAL B 169 7.27 -1.27 -6.58
C VAL B 169 8.72 -1.02 -6.11
N SER B 170 9.12 -1.64 -4.99
CA SER B 170 10.48 -1.54 -4.46
C SER B 170 11.49 -2.19 -5.41
N PHE B 171 11.21 -3.43 -5.89
CA PHE B 171 12.09 -4.16 -6.82
C PHE B 171 12.42 -3.39 -8.12
N LEU B 172 11.39 -2.92 -8.85
CA LEU B 172 11.53 -2.19 -10.12
C LEU B 172 12.28 -0.87 -9.99
N ASN B 177 17.01 -1.76 -15.25
CA ASN B 177 17.22 -2.61 -16.43
C ASN B 177 15.93 -2.68 -17.26
N PHE B 178 15.90 -1.93 -18.38
CA PHE B 178 14.77 -1.81 -19.31
C PHE B 178 14.30 -3.15 -19.90
N ILE B 179 15.25 -4.03 -20.28
CA ILE B 179 14.95 -5.33 -20.90
C ILE B 179 14.21 -6.30 -19.91
N GLU B 180 14.66 -6.41 -18.64
CA GLU B 180 14.04 -7.33 -17.67
C GLU B 180 12.61 -6.91 -17.25
N ILE B 181 12.31 -5.59 -17.24
CA ILE B 181 10.98 -5.08 -16.92
C ILE B 181 10.04 -5.37 -18.11
N MET B 182 10.56 -5.23 -19.34
CA MET B 182 9.87 -5.54 -20.60
C MET B 182 9.55 -7.05 -20.62
N GLY B 183 10.55 -7.86 -20.24
CA GLY B 183 10.46 -9.31 -20.16
C GLY B 183 9.39 -9.81 -19.19
N LEU B 184 9.23 -9.10 -18.05
CA LEU B 184 8.21 -9.43 -17.04
C LEU B 184 6.82 -9.12 -17.54
N LEU B 185 6.68 -8.02 -18.31
CA LEU B 185 5.42 -7.59 -18.89
C LEU B 185 5.03 -8.51 -20.07
N LEU B 186 6.04 -8.99 -20.83
CA LEU B 186 5.84 -9.90 -21.95
C LEU B 186 5.45 -11.31 -21.49
N GLN B 187 6.02 -11.79 -20.36
CA GLN B 187 5.73 -13.08 -19.73
C GLN B 187 4.25 -13.11 -19.35
N LEU B 188 3.76 -11.99 -18.76
CA LEU B 188 2.39 -11.73 -18.35
C LEU B 188 1.38 -11.75 -19.53
N ILE B 189 1.69 -11.04 -20.64
CA ILE B 189 0.85 -10.96 -21.84
C ILE B 189 0.77 -12.31 -22.60
N ARG B 190 1.92 -13.00 -22.76
CA ARG B 190 2.01 -14.27 -23.47
C ARG B 190 1.32 -15.44 -22.77
N ASN B 191 1.30 -15.44 -21.43
CA ASN B 191 0.75 -16.54 -20.63
C ASN B 191 -0.60 -16.30 -19.95
N ASN B 192 -1.26 -15.16 -20.23
CA ASN B 192 -2.56 -14.87 -19.61
C ASN B 192 -3.55 -14.19 -20.55
N ASN B 193 -4.84 -14.22 -20.15
CA ASN B 193 -5.90 -13.51 -20.83
C ASN B 193 -5.83 -12.13 -20.19
N VAL B 194 -5.31 -11.12 -20.95
CA VAL B 194 -5.10 -9.77 -20.43
C VAL B 194 -6.42 -9.08 -20.04
N SER B 195 -7.49 -9.27 -20.86
CA SER B 195 -8.82 -8.70 -20.55
C SER B 195 -9.40 -9.30 -19.28
N PHE B 196 -9.15 -10.59 -19.01
CA PHE B 196 -9.60 -11.21 -17.77
C PHE B 196 -8.86 -10.55 -16.58
N LEU B 197 -7.55 -10.31 -16.70
CA LEU B 197 -6.74 -9.68 -15.63
C LEU B 197 -7.19 -8.27 -15.32
N THR B 198 -7.66 -7.52 -16.33
CA THR B 198 -8.19 -6.17 -16.15
C THR B 198 -9.53 -6.14 -15.36
N THR B 199 -10.21 -7.30 -15.18
CA THR B 199 -11.46 -7.39 -14.38
C THR B 199 -11.14 -7.48 -12.87
N SER B 200 -9.86 -7.64 -12.53
CA SER B 200 -9.33 -7.75 -11.18
C SER B 200 -8.56 -6.46 -10.85
N LYS B 201 -8.75 -5.95 -9.63
CA LYS B 201 -8.05 -4.76 -9.14
C LYS B 201 -6.54 -5.03 -9.09
N ILE B 202 -6.13 -6.23 -8.62
CA ILE B 202 -4.74 -6.65 -8.50
C ILE B 202 -4.03 -6.75 -9.87
N GLY B 203 -4.61 -7.50 -10.81
CA GLY B 203 -4.12 -7.67 -12.18
C GLY B 203 -3.92 -6.34 -12.89
N LEU B 204 -4.94 -5.47 -12.80
CA LEU B 204 -4.95 -4.12 -13.37
C LEU B 204 -3.83 -3.26 -12.77
N ASN B 205 -3.67 -3.30 -11.42
CA ASN B 205 -2.65 -2.55 -10.68
C ASN B 205 -1.25 -3.03 -11.04
N LEU B 206 -1.08 -4.34 -11.26
CA LEU B 206 0.19 -4.94 -11.67
C LEU B 206 0.62 -4.42 -13.07
N ILE B 207 -0.31 -4.38 -14.02
CA ILE B 207 -0.10 -3.88 -15.38
C ILE B 207 0.32 -2.40 -15.35
N THR B 208 -0.42 -1.55 -14.59
CA THR B 208 -0.14 -0.11 -14.42
C THR B 208 1.28 0.14 -13.92
N ILE B 209 1.75 -0.67 -12.93
CA ILE B 209 3.08 -0.59 -12.32
C ILE B 209 4.18 -0.93 -13.34
N LEU B 210 3.92 -2.00 -14.14
CA LEU B 210 4.83 -2.46 -15.17
C LEU B 210 4.92 -1.47 -16.32
N ILE B 211 3.75 -0.95 -16.82
CA ILE B 211 3.71 0.02 -17.92
C ILE B 211 4.47 1.29 -17.57
N SER B 212 4.11 1.92 -16.42
CA SER B 212 4.64 3.18 -15.90
C SER B 212 6.15 3.19 -15.75
N ARG B 213 6.71 2.06 -15.25
CA ARG B 213 8.14 1.88 -15.03
C ARG B 213 8.87 1.72 -16.35
N ALA B 214 8.35 0.85 -17.26
CA ALA B 214 8.96 0.62 -18.56
C ALA B 214 8.94 1.88 -19.43
N ALA B 215 7.83 2.63 -19.38
CA ALA B 215 7.64 3.87 -20.14
C ALA B 215 8.61 4.96 -19.69
N LEU B 216 8.84 5.08 -18.37
CA LEU B 216 9.74 6.07 -17.78
C LEU B 216 11.17 5.89 -18.27
N ILE B 217 11.61 4.62 -18.42
CA ILE B 217 12.93 4.27 -18.91
C ILE B 217 13.01 4.48 -20.43
N LYS B 218 11.94 4.09 -21.17
CA LYS B 218 11.85 4.25 -22.63
C LYS B 218 11.93 5.73 -23.04
N GLN B 219 11.16 6.61 -22.37
CA GLN B 219 11.13 8.06 -22.61
C GLN B 219 12.46 8.72 -22.21
N ASP B 220 13.10 8.18 -21.17
CA ASP B 220 14.40 8.65 -20.68
C ASP B 220 15.50 8.31 -21.71
N SER B 221 15.54 7.04 -22.19
CA SER B 221 16.50 6.56 -23.18
C SER B 221 16.31 7.22 -24.56
N SER B 222 15.03 7.49 -24.96
CA SER B 222 14.64 8.12 -26.24
C SER B 222 15.28 9.50 -26.48
N ARG B 223 15.70 10.19 -25.38
CA ARG B 223 16.35 11.51 -25.40
C ARG B 223 17.65 11.52 -26.23
N SER B 224 18.30 10.35 -26.39
CA SER B 224 19.45 10.13 -27.27
C SER B 224 18.80 9.62 -28.56
N ASN B 225 18.65 10.51 -29.56
CA ASN B 225 17.91 10.28 -30.81
C ASN B 225 18.68 9.45 -31.88
N ILE B 226 19.11 8.24 -31.49
CA ILE B 226 19.82 7.29 -32.34
C ILE B 226 18.90 6.71 -33.43
N SER B 229 16.33 2.62 -31.33
CA SER B 229 16.93 1.61 -30.45
C SER B 229 16.21 0.26 -30.59
N PRO B 230 16.94 -0.88 -30.63
CA PRO B 230 16.25 -2.18 -30.72
C PRO B 230 15.48 -2.53 -29.43
N GLU B 231 15.82 -1.83 -28.32
CA GLU B 231 15.15 -1.95 -27.02
C GLU B 231 13.79 -1.25 -27.11
N ILE B 232 13.78 0.01 -27.61
CA ILE B 232 12.58 0.83 -27.81
C ILE B 232 11.66 0.16 -28.87
N SER B 233 12.25 -0.52 -29.87
CA SER B 233 11.49 -1.26 -30.89
C SER B 233 10.73 -2.42 -30.21
N THR B 234 11.40 -3.14 -29.29
CA THR B 234 10.86 -4.27 -28.50
C THR B 234 9.70 -3.79 -27.60
N TRP B 235 9.81 -2.57 -27.01
CA TRP B 235 8.77 -1.95 -26.19
C TRP B 235 7.53 -1.65 -27.03
N ASN B 236 7.73 -1.21 -28.29
CA ASN B 236 6.65 -0.93 -29.23
C ASN B 236 5.89 -2.21 -29.62
N GLU B 237 6.56 -3.39 -29.61
CA GLU B 237 5.94 -4.69 -29.91
C GLU B 237 5.12 -5.11 -28.70
N ILE B 238 5.67 -4.89 -27.48
CA ILE B 238 5.04 -5.21 -26.20
C ILE B 238 3.82 -4.30 -25.95
N TYR B 239 3.92 -3.00 -26.27
CA TYR B 239 2.80 -2.09 -26.10
C TYR B 239 1.68 -2.43 -27.09
N ASP B 240 2.04 -2.76 -28.35
CA ASP B 240 1.09 -3.16 -29.39
C ASP B 240 0.36 -4.45 -29.01
N LYS B 241 1.09 -5.47 -28.52
CA LYS B 241 0.53 -6.75 -28.11
C LYS B 241 -0.45 -6.56 -26.94
N LEU B 242 -0.12 -5.63 -26.01
CA LEU B 242 -0.99 -5.30 -24.89
C LEU B 242 -2.23 -4.53 -25.37
N PHE B 243 -2.03 -3.52 -26.23
CA PHE B 243 -3.12 -2.70 -26.76
C PHE B 243 -4.16 -3.52 -27.53
N THR B 244 -3.71 -4.46 -28.41
CA THR B 244 -4.58 -5.30 -29.23
C THR B 244 -5.34 -6.32 -28.39
N SER B 245 -4.73 -6.77 -27.27
CA SER B 245 -5.36 -7.72 -26.35
C SER B 245 -6.53 -7.08 -25.57
N LEU B 246 -6.56 -5.73 -25.50
CA LEU B 246 -7.59 -4.96 -24.80
C LEU B 246 -8.53 -4.20 -25.73
N GLU B 247 -8.11 -3.98 -27.00
CA GLU B 247 -8.88 -3.30 -28.05
C GLU B 247 -10.25 -3.99 -28.17
N SER B 248 -11.34 -3.17 -28.08
CA SER B 248 -12.77 -3.52 -28.06
C SER B 248 -13.28 -3.98 -26.66
N LYS B 249 -12.35 -4.21 -25.72
CA LYS B 249 -12.64 -4.68 -24.37
C LYS B 249 -12.22 -3.71 -23.26
N ILE B 250 -11.79 -2.48 -23.62
CA ILE B 250 -11.29 -1.49 -22.65
C ILE B 250 -12.33 -1.19 -21.53
N GLN B 251 -13.62 -0.96 -21.89
CA GLN B 251 -14.72 -0.69 -20.93
C GLN B 251 -14.85 -1.76 -19.81
N LEU B 252 -14.47 -3.03 -20.08
CA LEU B 252 -14.58 -4.14 -19.13
C LEU B 252 -13.71 -3.97 -17.87
N ILE B 253 -12.90 -2.93 -17.81
CA ILE B 253 -12.07 -2.62 -16.63
C ILE B 253 -12.99 -1.95 -15.57
N PHE B 254 -14.17 -1.44 -16.00
CA PHE B 254 -15.16 -0.81 -15.10
C PHE B 254 -16.16 -1.85 -14.61
N PRO B 255 -16.16 -2.19 -13.30
CA PRO B 255 -17.14 -3.19 -12.80
C PRO B 255 -18.60 -2.74 -12.90
N PRO B 256 -19.57 -3.67 -13.05
CA PRO B 256 -20.99 -3.26 -13.13
C PRO B 256 -21.53 -2.72 -11.80
N ARG B 257 -22.64 -1.96 -11.88
CA ARG B 257 -23.29 -1.34 -10.74
C ARG B 257 -23.58 -2.33 -9.59
N GLU B 258 -24.04 -3.56 -9.91
CA GLU B 258 -24.38 -4.53 -8.85
C GLU B 258 -23.14 -4.98 -8.07
N TYR B 259 -21.94 -5.04 -8.72
CA TYR B 259 -20.70 -5.39 -8.01
C TYR B 259 -20.34 -4.22 -7.08
N ASN B 260 -20.42 -2.98 -7.60
CA ASN B 260 -20.09 -1.75 -6.86
C ASN B 260 -20.99 -1.56 -5.63
N ASP B 261 -22.30 -1.83 -5.78
CA ASP B 261 -23.30 -1.74 -4.72
C ASP B 261 -23.03 -2.78 -3.64
N HIS B 262 -22.65 -4.00 -4.06
CA HIS B 262 -22.24 -5.09 -3.15
C HIS B 262 -21.01 -4.67 -2.31
N ILE B 263 -19.99 -4.06 -2.95
CA ILE B 263 -18.76 -3.61 -2.27
C ILE B 263 -19.04 -2.44 -1.30
N MET B 264 -19.86 -1.43 -1.75
CA MET B 264 -20.25 -0.26 -0.96
C MET B 264 -20.96 -0.69 0.34
N ARG B 265 -21.84 -1.72 0.23
CA ARG B 265 -22.57 -2.31 1.33
C ARG B 265 -21.60 -2.93 2.37
N LEU B 266 -20.63 -3.76 1.90
CA LEU B 266 -19.65 -4.43 2.76
C LEU B 266 -18.60 -3.49 3.40
N GLN B 267 -18.32 -2.32 2.78
CA GLN B 267 -17.34 -1.34 3.29
C GLN B 267 -18.00 -0.18 4.05
N ASN B 268 -19.36 -0.11 4.02
CA ASN B 268 -20.22 0.91 4.63
C ASN B 268 -20.00 2.31 3.99
N ASP B 269 -19.64 2.29 2.69
CA ASP B 269 -19.31 3.43 1.84
C ASP B 269 -20.46 3.90 0.96
N LYS B 270 -20.64 5.23 0.84
CA LYS B 270 -21.66 5.82 -0.04
C LYS B 270 -21.04 6.10 -1.41
N PHE B 271 -19.74 5.81 -1.56
CA PHE B 271 -18.96 6.08 -2.78
C PHE B 271 -18.00 4.94 -3.13
N MET B 272 -17.63 4.86 -4.42
CA MET B 272 -16.75 3.82 -4.95
C MET B 272 -15.40 4.38 -5.46
N ASP B 273 -14.26 3.90 -4.88
CA ASP B 273 -12.89 4.32 -5.24
C ASP B 273 -12.38 3.62 -6.52
N GLU B 274 -12.39 4.37 -7.63
CA GLU B 274 -11.94 3.93 -8.96
C GLU B 274 -10.75 4.76 -9.46
N ALA B 275 -9.90 5.28 -8.53
CA ALA B 275 -8.69 6.01 -8.88
C ALA B 275 -7.76 5.08 -9.66
N TYR B 276 -7.71 3.78 -9.27
CA TYR B 276 -6.89 2.75 -9.91
C TYR B 276 -7.30 2.48 -11.38
N ILE B 277 -8.60 2.68 -11.71
CA ILE B 277 -9.09 2.48 -13.09
C ILE B 277 -8.58 3.62 -13.98
N TRP B 278 -8.75 4.87 -13.51
CA TRP B 278 -8.32 6.07 -14.22
C TRP B 278 -6.79 6.17 -14.25
N ALA B 279 -6.08 5.61 -13.23
CA ALA B 279 -4.62 5.54 -13.19
C ALA B 279 -4.11 4.57 -14.27
N PHE B 280 -4.76 3.40 -14.43
CA PHE B 280 -4.42 2.44 -15.51
C PHE B 280 -4.58 3.09 -16.91
N LEU B 281 -5.75 3.75 -17.14
CA LEU B 281 -6.10 4.39 -18.41
C LEU B 281 -5.10 5.49 -18.74
N ALA B 282 -4.59 6.18 -17.69
CA ALA B 282 -3.57 7.22 -17.79
C ALA B 282 -2.24 6.62 -18.26
N SER B 283 -1.82 5.46 -17.69
CA SER B 283 -0.57 4.82 -18.06
C SER B 283 -0.65 4.21 -19.46
N LEU B 284 -1.86 3.74 -19.87
CA LEU B 284 -2.07 3.19 -21.21
C LEU B 284 -2.02 4.30 -22.26
N ALA B 285 -2.76 5.42 -22.03
CA ALA B 285 -2.78 6.58 -22.93
C ALA B 285 -1.43 7.34 -23.02
N ALA B 286 -0.65 7.41 -21.91
CA ALA B 286 0.66 8.09 -21.87
C ALA B 286 1.70 7.43 -22.76
N SER B 287 1.67 6.08 -22.87
CA SER B 287 2.59 5.30 -23.69
C SER B 287 2.13 5.22 -25.13
N GLY B 288 0.89 5.62 -25.39
CA GLY B 288 0.32 5.55 -26.72
C GLY B 288 0.53 6.76 -27.61
N LYS B 289 0.27 6.56 -28.89
CA LYS B 289 0.32 7.62 -29.90
C LYS B 289 -1.13 8.12 -30.09
N LEU B 290 -1.33 9.18 -30.90
CA LEU B 290 -2.67 9.72 -31.11
C LEU B 290 -3.72 8.65 -31.48
N ASN B 291 -3.36 7.69 -32.35
CA ASN B 291 -4.25 6.63 -32.80
C ASN B 291 -4.72 5.73 -31.63
N HIS B 292 -3.84 5.42 -30.66
CA HIS B 292 -4.16 4.63 -29.48
C HIS B 292 -5.07 5.40 -28.54
N GLN B 293 -4.79 6.70 -28.34
CA GLN B 293 -5.55 7.59 -27.47
C GLN B 293 -6.99 7.79 -27.95
N ARG B 294 -7.18 7.95 -29.29
CA ARG B 294 -8.51 8.11 -29.91
C ARG B 294 -9.36 6.85 -29.70
N ILE B 295 -8.72 5.65 -29.79
CA ILE B 295 -9.42 4.38 -29.54
C ILE B 295 -9.87 4.31 -28.07
N ILE B 296 -8.99 4.71 -27.13
CA ILE B 296 -9.25 4.71 -25.69
C ILE B 296 -10.37 5.69 -25.37
N ILE B 297 -10.25 6.95 -25.85
CA ILE B 297 -11.25 8.01 -25.70
C ILE B 297 -12.63 7.55 -26.19
N ASP B 298 -12.66 6.83 -27.34
CA ASP B 298 -13.89 6.31 -27.92
C ASP B 298 -14.56 5.19 -27.07
N GLU B 299 -13.75 4.31 -26.46
CA GLU B 299 -14.25 3.17 -25.68
C GLU B 299 -14.72 3.50 -24.25
N VAL B 300 -14.13 4.52 -23.60
CA VAL B 300 -14.43 4.90 -22.21
C VAL B 300 -15.20 6.24 -22.13
N ARG B 301 -15.69 6.75 -23.28
CA ARG B 301 -16.44 8.00 -23.40
C ARG B 301 -17.62 8.08 -22.42
N ASP B 302 -18.47 7.02 -22.38
CA ASP B 302 -19.64 6.93 -21.49
C ASP B 302 -19.22 6.97 -20.01
N GLU B 303 -18.04 6.41 -19.70
CA GLU B 303 -17.48 6.43 -18.35
C GLU B 303 -17.03 7.84 -17.95
N ILE B 304 -16.43 8.60 -18.90
CA ILE B 304 -16.00 9.97 -18.67
C ILE B 304 -17.21 10.85 -18.29
N PHE B 305 -18.28 10.77 -19.09
CA PHE B 305 -19.49 11.55 -18.89
C PHE B 305 -20.27 11.13 -17.64
N ALA B 306 -20.27 9.80 -17.30
CA ALA B 306 -20.91 9.27 -16.09
C ALA B 306 -20.21 9.82 -14.83
N THR B 307 -18.86 9.94 -14.87
CA THR B 307 -18.05 10.46 -13.76
C THR B 307 -18.34 11.97 -13.55
N ILE B 308 -18.43 12.70 -14.67
CA ILE B 308 -18.74 14.13 -14.69
C ILE B 308 -20.15 14.38 -14.14
N ASN B 309 -21.12 13.52 -14.50
CA ASN B 309 -22.51 13.60 -14.05
C ASN B 309 -22.67 13.38 -12.54
N GLU B 310 -21.97 12.39 -11.96
CA GLU B 310 -22.08 12.14 -10.53
C GLU B 310 -21.33 13.20 -9.70
N ALA B 311 -20.32 13.88 -10.30
CA ALA B 311 -19.58 14.98 -9.68
C ALA B 311 -20.44 16.25 -9.70
N GLU B 312 -21.28 16.42 -10.75
CA GLU B 312 -22.21 17.54 -10.92
C GLU B 312 -23.38 17.37 -9.94
N THR B 313 -23.80 16.11 -9.69
CA THR B 313 -24.84 15.75 -8.72
C THR B 313 -24.34 16.12 -7.31
N LEU B 314 -23.06 15.76 -6.97
CA LEU B 314 -22.43 16.08 -5.68
C LEU B 314 -22.31 17.60 -5.47
N GLN B 315 -21.99 18.36 -6.54
CA GLN B 315 -21.89 19.82 -6.52
C GLN B 315 -23.27 20.45 -6.17
N LYS B 316 -24.36 19.89 -6.74
CA LYS B 316 -25.73 20.31 -6.49
C LYS B 316 -26.09 20.01 -5.03
N LYS B 317 -25.71 18.80 -4.55
CA LYS B 317 -25.91 18.34 -3.17
C LYS B 317 -25.15 19.20 -2.14
N GLU B 318 -23.96 19.72 -2.53
CA GLU B 318 -23.09 20.58 -1.74
C GLU B 318 -23.70 21.96 -1.54
N LYS B 319 -24.25 22.57 -2.62
CA LYS B 319 -24.92 23.89 -2.60
C LYS B 319 -26.15 23.87 -1.68
N GLU B 320 -26.95 22.77 -1.74
CA GLU B 320 -28.15 22.54 -0.93
C GLU B 320 -27.85 22.55 0.57
N LEU B 321 -26.64 22.07 0.96
CA LEU B 321 -26.18 22.03 2.36
C LEU B 321 -25.49 23.32 2.80
N SER B 322 -24.79 24.00 1.86
CA SER B 322 -24.06 25.24 2.12
C SER B 322 -24.96 26.43 2.46
N VAL B 323 -26.18 26.46 1.88
CA VAL B 323 -27.20 27.51 2.08
C VAL B 323 -27.86 27.48 3.48
N LEU B 324 -27.44 26.53 4.33
CA LEU B 324 -27.92 26.33 5.70
C LEU B 324 -27.04 27.17 6.67
N PRO B 325 -27.65 28.01 7.55
CA PRO B 325 -26.84 28.91 8.40
C PRO B 325 -26.18 28.29 9.65
N GLN B 326 -26.89 27.41 10.37
CA GLN B 326 -26.40 26.78 11.59
C GLN B 326 -26.58 25.27 11.58
N ARG B 327 -25.98 24.62 10.58
CA ARG B 327 -26.01 23.17 10.40
C ARG B 327 -25.32 22.45 11.58
N SER B 328 -25.87 21.30 12.00
CA SER B 328 -25.34 20.47 13.08
C SER B 328 -23.98 19.86 12.67
N GLN B 329 -23.30 19.19 13.63
CA GLN B 329 -22.03 18.50 13.39
C GLN B 329 -22.22 17.39 12.35
N GLU B 330 -23.33 16.62 12.47
CA GLU B 330 -23.69 15.53 11.55
C GLU B 330 -23.79 16.08 10.12
N LEU B 331 -24.46 17.23 9.98
CA LEU B 331 -24.69 17.91 8.72
C LEU B 331 -23.40 18.50 8.16
N ASP B 332 -22.54 19.06 9.02
CA ASP B 332 -21.24 19.62 8.59
C ASP B 332 -20.32 18.48 8.12
N THR B 333 -20.42 17.31 8.78
CA THR B 333 -19.66 16.08 8.43
C THR B 333 -20.14 15.57 7.08
N GLU B 334 -21.44 15.69 6.79
CA GLU B 334 -22.08 15.29 5.53
C GLU B 334 -21.59 16.17 4.38
N LEU B 335 -21.59 17.50 4.59
CA LEU B 335 -21.12 18.49 3.62
C LEU B 335 -19.64 18.25 3.23
N LYS B 336 -18.76 18.05 4.25
CA LYS B 336 -17.33 17.77 4.03
C LYS B 336 -17.09 16.49 3.20
N SER B 337 -17.90 15.44 3.47
CA SER B 337 -17.91 14.14 2.78
C SER B 337 -18.29 14.34 1.30
N ILE B 338 -19.28 15.21 1.04
CA ILE B 338 -19.74 15.53 -0.31
C ILE B 338 -18.61 16.25 -1.08
N ILE B 339 -18.02 17.31 -0.50
CA ILE B 339 -16.92 18.07 -1.12
C ILE B 339 -15.72 17.15 -1.39
N TYR B 340 -15.36 16.31 -0.40
CA TYR B 340 -14.26 15.36 -0.54
C TYR B 340 -14.49 14.42 -1.71
N ASN B 341 -15.66 13.78 -1.80
CA ASN B 341 -15.93 12.83 -2.87
C ASN B 341 -16.10 13.48 -4.24
N LYS B 342 -16.63 14.73 -4.27
CA LYS B 342 -16.77 15.50 -5.51
C LYS B 342 -15.36 15.77 -6.08
N GLU B 343 -14.46 16.37 -5.26
CA GLU B 343 -13.07 16.68 -5.62
C GLU B 343 -12.28 15.44 -6.03
N LYS B 344 -12.49 14.30 -5.35
CA LYS B 344 -11.84 13.04 -5.71
C LYS B 344 -12.19 12.64 -7.16
N LEU B 345 -13.47 12.81 -7.55
CA LEU B 345 -13.96 12.51 -8.90
C LEU B 345 -13.27 13.33 -9.97
N TYR B 346 -13.11 14.65 -9.74
CA TYR B 346 -12.41 15.57 -10.65
C TYR B 346 -10.95 15.18 -10.76
N GLN B 347 -10.30 14.91 -9.60
CA GLN B 347 -8.88 14.56 -9.52
C GLN B 347 -8.52 13.22 -10.15
N ASP B 348 -9.36 12.18 -9.95
CA ASP B 348 -9.14 10.85 -10.53
C ASP B 348 -9.32 10.88 -12.01
N LEU B 349 -10.36 11.59 -12.50
CA LEU B 349 -10.59 11.74 -13.94
C LEU B 349 -9.43 12.51 -14.60
N ASN B 350 -9.00 13.63 -13.99
CA ASN B 350 -7.95 14.48 -14.53
C ASN B 350 -6.58 13.80 -14.62
N LEU B 351 -6.30 12.75 -13.81
CA LEU B 351 -5.03 12.00 -13.93
C LEU B 351 -4.91 11.45 -15.37
N PHE B 352 -6.01 10.90 -15.88
CA PHE B 352 -6.13 10.35 -17.22
C PHE B 352 -6.21 11.46 -18.30
N LEU B 353 -7.12 12.45 -18.12
CA LEU B 353 -7.33 13.53 -19.10
C LEU B 353 -6.07 14.36 -19.42
N ASN B 354 -5.32 14.79 -18.38
CA ASN B 354 -4.11 15.60 -18.48
C ASN B 354 -3.00 14.97 -19.29
N VAL B 355 -2.99 13.64 -19.36
CA VAL B 355 -2.01 12.85 -20.10
C VAL B 355 -2.17 13.15 -21.62
N MET B 356 -3.41 13.51 -22.04
CA MET B 356 -3.76 13.86 -23.42
C MET B 356 -3.91 15.36 -23.67
N GLY B 357 -3.50 16.18 -22.71
CA GLY B 357 -3.58 17.64 -22.80
C GLY B 357 -4.98 18.17 -22.61
N LEU B 358 -5.82 17.41 -21.90
CA LEU B 358 -7.22 17.72 -21.62
C LEU B 358 -7.45 17.88 -20.11
N VAL B 359 -8.49 18.64 -19.72
CA VAL B 359 -8.82 18.88 -18.31
C VAL B 359 -10.32 19.13 -18.10
N TYR B 360 -10.87 18.56 -17.02
CA TYR B 360 -12.24 18.80 -16.60
C TYR B 360 -12.15 19.88 -15.53
N ARG B 361 -12.45 21.10 -15.93
CA ARG B 361 -12.34 22.29 -15.12
C ARG B 361 -13.57 23.16 -15.33
N ASP B 362 -14.17 23.67 -14.23
CA ASP B 362 -15.34 24.55 -14.21
C ASP B 362 -16.54 23.99 -15.01
N GLY B 363 -16.84 22.72 -14.80
CA GLY B 363 -17.96 22.02 -15.42
C GLY B 363 -17.86 21.62 -16.89
N GLU B 364 -16.72 21.94 -17.56
CA GLU B 364 -16.50 21.63 -18.98
C GLU B 364 -15.17 20.91 -19.22
N ILE B 365 -15.11 20.05 -20.26
CA ILE B 365 -13.84 19.42 -20.65
C ILE B 365 -13.23 20.36 -21.69
N SER B 366 -12.04 20.88 -21.40
CA SER B 366 -11.29 21.78 -22.27
C SER B 366 -9.82 21.33 -22.39
N GLU B 367 -9.04 22.06 -23.21
CA GLU B 367 -7.63 21.80 -23.45
C GLU B 367 -6.78 22.47 -22.38
N LEU B 368 -5.74 21.75 -21.89
CA LEU B 368 -4.77 22.23 -20.91
C LEU B 368 -3.91 23.38 -21.47
N LYS B 369 -2.96 23.92 -20.64
CA LYS B 369 -2.01 25.00 -20.99
C LYS B 369 -2.67 26.25 -21.56
N THR C 1 0.60 18.26 -34.17
CA THR C 1 1.31 18.82 -33.01
C THR C 1 0.61 18.42 -31.71
N ALA C 2 1.05 18.98 -30.56
CA ALA C 2 0.44 18.71 -29.26
C ALA C 2 -0.96 19.35 -29.20
N HIS C 3 -1.10 20.57 -29.76
CA HIS C 3 -2.37 21.30 -29.82
C HIS C 3 -3.40 20.60 -30.71
N SER C 4 -3.00 20.23 -31.95
CA SER C 4 -3.88 19.54 -32.91
C SER C 4 -4.37 18.17 -32.38
N ASN C 5 -3.49 17.42 -31.64
CA ASN C 5 -3.81 16.15 -30.98
C ASN C 5 -4.93 16.34 -29.96
N SER C 6 -4.74 17.30 -29.02
CA SER C 6 -5.71 17.64 -27.97
C SER C 6 -7.07 18.06 -28.59
N GLN C 7 -7.04 18.88 -29.65
CA GLN C 7 -8.25 19.31 -30.36
C GLN C 7 -8.99 18.15 -31.04
N ALA C 8 -8.23 17.19 -31.61
CA ALA C 8 -8.78 15.98 -32.26
C ALA C 8 -9.42 15.07 -31.21
N LEU C 9 -8.82 14.99 -30.01
CA LEU C 9 -9.34 14.17 -28.93
C LEU C 9 -10.57 14.81 -28.30
N LEU C 10 -10.58 16.15 -28.20
CA LEU C 10 -11.73 16.90 -27.64
C LEU C 10 -12.98 16.84 -28.55
N ASP C 11 -12.78 16.82 -29.89
CA ASP C 11 -13.85 16.69 -30.88
C ASP C 11 -14.51 15.31 -30.79
N LEU C 12 -13.69 14.26 -30.56
CA LEU C 12 -14.15 12.87 -30.44
C LEU C 12 -14.93 12.64 -29.14
N LEU C 13 -14.63 13.41 -28.09
CA LEU C 13 -15.34 13.32 -26.82
C LEU C 13 -16.71 13.97 -26.97
N LYS C 14 -16.76 15.21 -27.50
CA LYS C 14 -18.01 15.92 -27.70
C LYS C 14 -18.65 15.55 -29.07
N LYS C 15 -19.16 14.31 -29.17
CA LYS C 15 -19.88 13.78 -30.33
C LYS C 15 -20.99 12.79 -29.83
N PRO C 16 -22.24 12.88 -30.36
CA PRO C 16 -23.35 12.04 -29.84
C PRO C 16 -23.16 10.51 -29.90
N THR C 17 -22.79 9.94 -31.08
CA THR C 17 -22.58 8.49 -31.26
C THR C 17 -21.19 8.02 -30.76
N THR D 1 22.23 -18.09 27.00
CA THR D 1 21.99 -18.65 25.67
C THR D 1 20.63 -18.20 25.16
N ALA D 2 20.33 -18.48 23.87
CA ALA D 2 19.03 -18.18 23.28
C ALA D 2 17.96 -18.96 24.03
N HIS D 3 18.29 -20.20 24.50
CA HIS D 3 17.40 -21.04 25.29
C HIS D 3 17.13 -20.43 26.67
N SER D 4 18.20 -20.02 27.40
CA SER D 4 18.08 -19.44 28.74
C SER D 4 17.34 -18.10 28.71
N ASN D 5 17.59 -17.28 27.66
CA ASN D 5 16.91 -15.99 27.45
C ASN D 5 15.42 -16.21 27.24
N SER D 6 15.07 -17.17 26.36
CA SER D 6 13.69 -17.53 26.06
C SER D 6 12.96 -18.02 27.31
N GLN D 7 13.64 -18.82 28.15
CA GLN D 7 13.07 -19.31 29.40
C GLN D 7 12.83 -18.19 30.41
N ALA D 8 13.77 -17.21 30.52
CA ALA D 8 13.64 -16.04 31.38
C ALA D 8 12.41 -15.19 30.96
N LEU D 9 12.23 -15.00 29.64
CA LEU D 9 11.14 -14.22 29.06
C LEU D 9 9.79 -14.90 29.26
N LEU D 10 9.74 -16.24 29.09
CA LEU D 10 8.55 -17.07 29.30
C LEU D 10 8.08 -16.93 30.77
N ASP D 11 9.02 -17.11 31.74
CA ASP D 11 8.78 -17.01 33.18
C ASP D 11 8.25 -15.62 33.59
N LEU D 12 8.84 -14.54 33.02
CA LEU D 12 8.42 -13.16 33.25
C LEU D 12 6.98 -12.94 32.72
N LEU D 13 6.72 -13.38 31.48
CA LEU D 13 5.43 -13.29 30.82
C LEU D 13 4.34 -14.02 31.61
N LYS D 14 4.66 -15.23 32.11
CA LYS D 14 3.72 -16.08 32.84
C LYS D 14 3.41 -15.60 34.27
N LYS D 15 4.05 -14.52 34.76
CA LYS D 15 3.75 -13.93 36.07
C LYS D 15 2.39 -13.20 35.96
N PRO D 16 1.48 -13.27 36.97
CA PRO D 16 0.16 -12.64 36.81
C PRO D 16 0.18 -11.12 36.57
N THR D 17 1.04 -10.39 37.31
CA THR D 17 1.16 -8.93 37.19
C THR D 17 2.62 -8.48 37.06
MG MG E . 21.17 17.44 -7.13
CL CL F . 9.12 15.57 23.83
C1 EDO G . 7.28 0.42 33.00
O1 EDO G . 7.18 1.60 33.78
C2 EDO G . 8.72 0.31 32.47
O2 EDO G . 8.95 -1.02 32.04
C1 EDO H . -6.74 -4.82 22.21
O1 EDO H . -6.79 -3.84 23.26
C2 EDO H . -7.34 -6.18 22.69
O2 EDO H . -6.87 -7.24 21.87
C1 EDO I . -9.86 -16.90 27.29
O1 EDO I . -9.16 -17.88 28.02
C2 EDO I . -11.09 -17.49 26.55
O2 EDO I . -11.61 -16.50 25.70
CL CL J . -19.89 -11.26 3.99
C1 EDO K . -18.29 2.42 -12.90
O1 EDO K . -17.83 1.11 -12.51
C2 EDO K . -19.54 2.33 -13.80
O2 EDO K . -19.21 1.72 -15.04
C1 EDO L . -5.69 4.02 -6.01
O1 EDO L . -4.99 2.97 -6.65
C2 EDO L . -7.05 3.51 -5.43
O2 EDO L . -8.02 3.32 -6.44
C1 EDO M . -10.50 14.42 -2.61
O1 EDO M . -9.42 13.51 -2.61
C2 EDO M . -10.15 15.75 -1.89
O2 EDO M . -8.97 16.29 -2.42
C1 EDO N . -13.82 22.10 -11.27
O1 EDO N . -12.41 22.18 -11.22
C2 EDO N . -14.23 20.86 -12.10
O2 EDO N . -15.61 20.94 -12.42
C1 EDO O . -12.67 -4.80 -10.09
O1 EDO O . -11.38 -4.29 -10.40
C2 EDO O . -12.58 -6.05 -9.21
O2 EDO O . -11.61 -5.86 -8.17
C1 EDO P . -21.02 -11.75 0.26
O1 EDO P . -21.68 -10.98 1.25
C2 EDO P . -21.63 -13.16 0.12
O2 EDO P . -21.13 -13.73 -1.07
#